data_4YGE
#
_entry.id   4YGE
#
_cell.length_a   113.128
_cell.length_b   113.128
_cell.length_c   157.602
_cell.angle_alpha   90.00
_cell.angle_beta   90.00
_cell.angle_gamma   120.00
#
_symmetry.space_group_name_H-M   'P 31 2 1'
#
loop_
_entity.id
_entity.type
_entity.pdbx_description
1 polymer 'Protein ERGIC-53'
2 polymer 'Multiple coagulation factor deficiency protein 2'
3 non-polymer 'CALCIUM ION'
4 non-polymer 'CHLORIDE ION'
5 water water
#
loop_
_entity_poly.entity_id
_entity_poly.type
_entity_poly.pdbx_seq_one_letter_code
_entity_poly.pdbx_strand_id
1 'polypeptide(L)'
;MNHKVHMDGVGGDPAVALPHRRFEYKYSFKGPHLVQSDGTVPFWAHAGNAIPSSDQIRVAPSLKSQRGSVWTKTKAAFEN
WEVEVTFRVTGRGRIGADGLAIWYAENQGLEGPVFGSADLWNGVGIFFDSFDNDGKKNNPAIVIIGNNGQIHYDHQNDGA
SQALASCQRDFRNKPYPVRAKITYYQNTLTVMINNGFTPDKNDYEFCAKVENMIIPAQGHFGISAATGGLADDHDVLSFL
TFQLTE
;
A,C,E
2 'polypeptide(L)'
;MGHHHHHHHHHHSSGHIEGRHMLEEPAASFSQPGSMGLDKNTVHDQEHIMEHLEGVINKPEAEMSPQELQLHYFKMHDYD
GNNLLDGLELSTAITHVHKEEGSEQAPLMSEDELINIIDGVLRDDDKNNDGYIDYAEFAKSLQ
;
B,D,F
#
loop_
_chem_comp.id
_chem_comp.type
_chem_comp.name
_chem_comp.formula
CA non-polymer 'CALCIUM ION' 'Ca 2'
CL non-polymer 'CHLORIDE ION' 'Cl -1'
#
# COMPACT_ATOMS: atom_id res chain seq x y z
N PRO A 19 -30.36 -23.47 25.17
CA PRO A 19 -29.02 -24.06 24.91
C PRO A 19 -28.28 -24.38 26.23
N HIS A 20 -27.61 -25.52 26.29
CA HIS A 20 -27.02 -26.00 27.54
C HIS A 20 -25.59 -25.44 27.60
N ARG A 21 -25.29 -24.77 28.71
CA ARG A 21 -24.01 -24.11 28.86
C ARG A 21 -23.09 -24.87 29.82
N ARG A 22 -21.86 -25.09 29.40
CA ARG A 22 -20.84 -25.73 30.22
C ARG A 22 -19.71 -24.75 30.52
N PHE A 23 -19.33 -24.65 31.78
CA PHE A 23 -18.27 -23.78 32.15
C PHE A 23 -16.93 -24.42 31.78
N GLU A 24 -16.05 -23.64 31.18
CA GLU A 24 -14.77 -24.15 30.75
C GLU A 24 -13.66 -23.44 31.52
N TYR A 25 -13.22 -24.07 32.60
CA TYR A 25 -12.21 -23.50 33.49
C TYR A 25 -10.92 -23.20 32.74
N LYS A 26 -10.55 -24.03 31.78
CA LYS A 26 -9.25 -23.89 31.15
C LYS A 26 -9.19 -22.64 30.29
N TYR A 27 -10.32 -22.01 30.02
CA TYR A 27 -10.34 -20.77 29.24
C TYR A 27 -10.85 -19.61 30.08
N SER A 28 -10.55 -19.64 31.37
CA SER A 28 -11.16 -18.74 32.35
C SER A 28 -10.20 -18.28 33.46
N PHE A 29 -10.47 -17.15 34.07
CA PHE A 29 -9.71 -16.74 35.27
C PHE A 29 -10.56 -15.87 36.14
N LYS A 30 -10.24 -15.85 37.44
CA LYS A 30 -10.96 -15.05 38.43
C LYS A 30 -10.32 -15.05 39.82
N GLY A 31 -10.81 -14.17 40.68
CA GLY A 31 -10.33 -14.14 42.05
C GLY A 31 -10.96 -15.26 42.84
N PRO A 32 -10.75 -15.28 44.17
CA PRO A 32 -9.76 -14.51 44.89
C PRO A 32 -8.33 -15.05 44.76
N HIS A 33 -8.10 -16.20 44.15
CA HIS A 33 -6.70 -16.67 44.02
C HIS A 33 -6.32 -16.78 42.57
N LEU A 34 -6.22 -15.60 41.95
CA LEU A 34 -6.05 -15.45 40.50
C LEU A 34 -4.60 -15.74 40.14
N VAL A 35 -3.66 -14.90 40.54
CA VAL A 35 -2.23 -15.26 40.35
C VAL A 35 -1.78 -16.34 41.28
N GLN A 36 -1.00 -17.28 40.76
CA GLN A 36 -0.21 -18.18 41.58
C GLN A 36 1.11 -17.49 41.98
N SER A 37 1.86 -18.15 42.86
CA SER A 37 3.04 -17.51 43.49
C SER A 37 4.20 -17.13 42.55
N ASP A 38 4.27 -17.75 41.37
CA ASP A 38 5.28 -17.32 40.40
C ASP A 38 4.80 -16.14 39.57
N GLY A 39 3.67 -15.57 39.97
CA GLY A 39 3.12 -14.36 39.35
C GLY A 39 2.38 -14.60 38.03
N THR A 40 1.89 -15.82 37.82
CA THR A 40 1.29 -16.18 36.55
C THR A 40 -0.18 -16.55 36.75
N VAL A 41 -0.96 -16.38 35.68
CA VAL A 41 -2.37 -16.71 35.68
C VAL A 41 -2.54 -18.10 35.10
N PRO A 42 -3.13 -19.03 35.85
CA PRO A 42 -3.14 -20.35 35.26
C PRO A 42 -3.87 -20.35 33.91
N PHE A 43 -3.30 -21.07 32.95
CA PHE A 43 -3.86 -21.27 31.62
C PHE A 43 -3.80 -20.09 30.71
N TRP A 44 -3.30 -18.96 31.17
CA TRP A 44 -3.25 -17.75 30.34
C TRP A 44 -1.87 -17.15 30.32
N ALA A 45 -1.48 -16.57 29.21
CA ALA A 45 -0.24 -15.81 29.09
C ALA A 45 -0.51 -14.31 29.17
N HIS A 46 0.22 -13.58 29.98
CA HIS A 46 0.05 -12.15 30.00
C HIS A 46 1.29 -11.44 29.49
N ALA A 47 1.12 -10.23 29.00
CA ALA A 47 2.21 -9.53 28.43
C ALA A 47 2.03 -8.04 28.50
N GLY A 48 3.11 -7.33 28.16
CA GLY A 48 3.12 -5.90 28.18
C GLY A 48 3.07 -5.41 29.59
N ASN A 49 2.36 -4.31 29.81
CA ASN A 49 2.15 -3.71 31.14
C ASN A 49 1.15 -4.39 32.09
N ALA A 50 0.69 -5.58 31.75
CA ALA A 50 -0.39 -6.15 32.55
C ALA A 50 0.17 -6.52 33.90
N ILE A 51 -0.55 -6.19 34.94
CA ILE A 51 -0.23 -6.61 36.29
C ILE A 51 -1.29 -7.56 36.83
N PRO A 52 -0.96 -8.83 36.93
CA PRO A 52 -1.91 -9.74 37.60
C PRO A 52 -1.85 -9.67 39.14
N SER A 53 -2.84 -9.10 39.84
CA SER A 53 -2.90 -9.35 41.29
C SER A 53 -3.80 -10.55 41.49
N SER A 54 -4.38 -10.73 42.67
CA SER A 54 -5.10 -11.98 42.96
C SER A 54 -6.59 -11.83 42.93
N ASP A 55 -7.08 -10.63 43.13
CA ASP A 55 -8.50 -10.37 42.96
C ASP A 55 -8.84 -9.84 41.53
N GLN A 56 -7.82 -9.57 40.70
CA GLN A 56 -8.03 -9.05 39.32
C GLN A 56 -6.73 -9.02 38.49
N ILE A 57 -6.85 -8.68 37.21
CA ILE A 57 -5.68 -8.32 36.43
C ILE A 57 -5.87 -6.87 35.99
N ARG A 58 -4.91 -6.02 36.33
CA ARG A 58 -4.85 -4.67 35.83
C ARG A 58 -4.09 -4.74 34.52
N VAL A 59 -4.86 -4.85 33.45
CA VAL A 59 -4.37 -5.08 32.10
C VAL A 59 -3.59 -3.88 31.61
N ALA A 60 -4.06 -2.69 31.94
CA ALA A 60 -3.28 -1.48 31.70
C ALA A 60 -3.61 -0.42 32.76
N PRO A 61 -2.59 -0.01 33.54
CA PRO A 61 -2.81 0.90 34.63
C PRO A 61 -2.77 2.31 34.15
N SER A 62 -3.21 3.25 34.98
CA SER A 62 -3.33 4.66 34.57
C SER A 62 -1.99 5.40 34.51
N LEU A 63 -1.09 4.95 33.67
CA LEU A 63 0.11 5.69 33.33
C LEU A 63 0.05 5.92 31.82
N LYS A 64 0.80 6.91 31.35
CA LYS A 64 0.89 7.25 29.94
C LYS A 64 1.44 6.07 29.14
N SER A 65 0.84 5.84 27.97
CA SER A 65 1.37 4.98 26.94
C SER A 65 1.62 3.57 27.36
N GLN A 66 0.65 2.99 28.07
CA GLN A 66 0.70 1.60 28.47
C GLN A 66 0.03 0.73 27.43
N ARG A 67 0.42 -0.54 27.44
CA ARG A 67 -0.24 -1.58 26.66
C ARG A 67 -0.05 -2.85 27.38
N GLY A 68 -1.10 -3.64 27.54
CA GLY A 68 -0.95 -4.96 28.14
C GLY A 68 -2.04 -5.90 27.67
N SER A 69 -1.84 -7.19 27.91
CA SER A 69 -2.78 -8.19 27.42
C SER A 69 -2.68 -9.52 28.13
N VAL A 70 -3.70 -10.33 27.91
CA VAL A 70 -3.84 -11.61 28.53
C VAL A 70 -4.60 -12.50 27.57
N TRP A 71 -4.00 -13.60 27.18
CA TRP A 71 -4.54 -14.51 26.17
C TRP A 71 -4.48 -15.91 26.70
N THR A 72 -5.38 -16.75 26.22
CA THR A 72 -5.36 -18.13 26.62
C THR A 72 -4.14 -18.79 26.02
N LYS A 73 -3.57 -19.76 26.72
CA LYS A 73 -2.45 -20.52 26.18
C LYS A 73 -2.84 -21.44 25.00
N THR A 74 -4.01 -22.05 25.05
CA THR A 74 -4.43 -22.93 23.99
C THR A 74 -5.67 -22.38 23.30
N LYS A 75 -5.88 -22.87 22.08
CA LYS A 75 -7.07 -22.56 21.31
C LYS A 75 -8.25 -23.33 21.84
N ALA A 76 -9.41 -22.72 21.75
CA ALA A 76 -10.65 -23.35 22.13
C ALA A 76 -11.32 -23.72 20.84
N ALA A 77 -11.94 -24.91 20.82
CA ALA A 77 -12.64 -25.36 19.62
C ALA A 77 -14.13 -25.52 19.89
N PHE A 78 -14.81 -24.44 20.21
CA PHE A 78 -16.25 -24.51 20.47
C PHE A 78 -17.06 -23.90 19.33
N GLU A 79 -18.02 -24.67 18.82
CA GLU A 79 -18.90 -24.19 17.78
C GLU A 79 -19.67 -22.96 18.26
N ASN A 80 -20.25 -23.06 19.46
CA ASN A 80 -20.92 -21.94 20.11
C ASN A 80 -20.43 -21.70 21.53
N TRP A 81 -20.41 -20.42 21.95
CA TRP A 81 -19.87 -20.05 23.27
C TRP A 81 -20.38 -18.75 23.83
N GLU A 82 -20.07 -18.53 25.11
CA GLU A 82 -20.38 -17.29 25.80
C GLU A 82 -19.21 -16.91 26.70
N VAL A 83 -18.87 -15.64 26.77
CA VAL A 83 -17.95 -15.16 27.80
C VAL A 83 -18.64 -14.12 28.70
N GLU A 84 -18.37 -14.21 29.99
CA GLU A 84 -18.87 -13.25 30.90
C GLU A 84 -17.62 -12.57 31.42
N VAL A 85 -17.43 -11.34 31.00
CA VAL A 85 -16.25 -10.58 31.41
C VAL A 85 -16.64 -9.42 32.31
N THR A 86 -16.02 -9.37 33.49
CA THR A 86 -16.31 -8.40 34.51
C THR A 86 -15.12 -7.51 34.68
N PHE A 87 -15.32 -6.20 34.66
CA PHE A 87 -14.21 -5.27 34.64
C PHE A 87 -14.55 -3.87 35.14
N ARG A 88 -13.51 -3.09 35.38
CA ARG A 88 -13.66 -1.67 35.66
C ARG A 88 -12.77 -0.91 34.77
N VAL A 89 -13.18 0.29 34.40
CA VAL A 89 -12.31 1.24 33.72
C VAL A 89 -12.51 2.53 34.47
N THR A 90 -11.41 3.02 35.00
CA THR A 90 -11.45 3.95 36.10
C THR A 90 -10.42 5.05 35.84
N GLY A 91 -10.86 6.29 35.96
CA GLY A 91 -9.94 7.40 35.90
C GLY A 91 -10.45 8.62 36.63
N ARG A 92 -9.53 9.50 36.96
CA ARG A 92 -9.84 10.79 37.58
C ARG A 92 -10.79 11.74 36.80
N GLY A 93 -10.79 11.66 35.47
CA GLY A 93 -11.56 12.60 34.64
C GLY A 93 -12.90 12.13 34.12
N ARG A 94 -13.66 13.04 33.51
CA ARG A 94 -14.86 12.68 32.75
C ARG A 94 -14.52 12.08 31.37
N ILE A 95 -13.26 12.13 30.99
CA ILE A 95 -12.76 11.60 29.71
C ILE A 95 -11.55 10.74 30.03
N GLY A 96 -11.43 9.56 29.44
CA GLY A 96 -10.20 8.72 29.62
C GLY A 96 -9.74 8.05 28.34
N ALA A 97 -8.75 7.20 28.41
CA ALA A 97 -8.29 6.47 27.22
C ALA A 97 -7.44 5.27 27.58
N ASP A 98 -7.22 4.32 26.66
CA ASP A 98 -7.84 4.24 25.34
C ASP A 98 -9.04 3.34 25.42
N GLY A 99 -8.90 2.25 26.14
CA GLY A 99 -9.98 1.30 26.29
C GLY A 99 -9.47 -0.10 26.49
N LEU A 100 -10.34 -1.04 26.18
CA LEU A 100 -10.23 -2.43 26.57
C LEU A 100 -10.84 -3.27 25.46
N ALA A 101 -10.20 -4.38 25.09
CA ALA A 101 -10.70 -5.22 24.01
C ALA A 101 -10.84 -6.63 24.48
N ILE A 102 -11.90 -7.27 24.03
CA ILE A 102 -12.12 -8.68 24.26
C ILE A 102 -12.02 -9.38 22.92
N TRP A 103 -11.27 -10.45 22.88
CA TRP A 103 -10.90 -11.09 21.62
C TRP A 103 -11.25 -12.55 21.51
N TYR A 104 -11.65 -12.95 20.31
CA TYR A 104 -11.59 -14.35 19.90
C TYR A 104 -10.94 -14.34 18.55
N ALA A 105 -9.79 -14.99 18.44
CA ALA A 105 -8.96 -14.84 17.26
C ALA A 105 -8.09 -16.02 17.05
N GLU A 106 -7.82 -16.30 15.78
CA GLU A 106 -7.04 -17.49 15.35
C GLU A 106 -5.65 -17.57 16.01
N ASN A 107 -4.98 -16.43 16.19
CA ASN A 107 -3.70 -16.36 16.92
C ASN A 107 -3.71 -15.36 18.07
N GLN A 108 -2.92 -15.69 19.09
CA GLN A 108 -2.66 -14.78 20.20
C GLN A 108 -2.07 -13.51 19.67
N GLY A 109 -2.52 -12.36 20.21
CA GLY A 109 -2.12 -11.03 19.84
C GLY A 109 -1.62 -10.34 21.08
N LEU A 110 -0.53 -10.86 21.61
CA LEU A 110 0.01 -10.38 22.88
C LEU A 110 0.45 -8.90 22.83
N GLU A 111 1.24 -8.49 21.83
CA GLU A 111 1.54 -7.06 21.69
C GLU A 111 1.13 -6.39 20.41
N GLY A 112 0.63 -5.15 20.49
CA GLY A 112 0.40 -4.36 19.30
C GLY A 112 -0.37 -3.09 19.55
N PRO A 113 -0.58 -2.33 18.50
CA PRO A 113 -1.27 -1.04 18.54
C PRO A 113 -2.82 -1.07 18.63
N VAL A 114 -3.47 -2.22 18.73
CA VAL A 114 -4.92 -2.22 18.77
C VAL A 114 -5.39 -2.59 20.18
N PHE A 115 -5.74 -1.55 20.95
CA PHE A 115 -6.07 -1.68 22.36
C PHE A 115 -5.08 -2.60 23.04
N GLY A 116 -3.81 -2.44 22.67
CA GLY A 116 -2.71 -3.17 23.24
C GLY A 116 -2.35 -4.51 22.62
N SER A 117 -3.23 -5.00 21.76
CA SER A 117 -3.02 -6.28 21.07
C SER A 117 -2.68 -6.09 19.60
N ALA A 118 -2.41 -7.23 18.95
CA ALA A 118 -1.92 -7.26 17.56
C ALA A 118 -2.96 -6.89 16.55
N ASP A 119 -2.45 -6.42 15.43
CA ASP A 119 -3.29 -5.97 14.36
C ASP A 119 -3.47 -7.06 13.31
N LEU A 120 -4.27 -6.77 12.29
CA LEU A 120 -4.58 -7.75 11.24
C LEU A 120 -4.84 -9.14 11.82
N TRP A 121 -5.92 -9.22 12.55
CA TRP A 121 -6.19 -10.42 13.30
C TRP A 121 -7.23 -11.15 12.47
N ASN A 122 -7.44 -12.43 12.79
CA ASN A 122 -8.45 -13.18 12.11
C ASN A 122 -9.48 -13.67 13.14
N GLY A 123 -10.57 -12.93 13.23
CA GLY A 123 -11.64 -13.25 14.15
C GLY A 123 -12.41 -12.00 14.47
N VAL A 124 -12.71 -11.83 15.74
CA VAL A 124 -13.51 -10.72 16.16
C VAL A 124 -12.90 -10.09 17.41
N GLY A 125 -13.03 -8.78 17.51
CA GLY A 125 -12.63 -8.07 18.71
C GLY A 125 -13.83 -7.29 19.13
N ILE A 126 -14.11 -7.28 20.43
CA ILE A 126 -15.14 -6.39 20.93
C ILE A 126 -14.42 -5.30 21.71
N PHE A 127 -14.52 -4.08 21.19
CA PHE A 127 -13.75 -2.96 21.70
C PHE A 127 -14.57 -2.02 22.51
N PHE A 128 -14.12 -1.81 23.76
CA PHE A 128 -14.69 -0.82 24.65
C PHE A 128 -13.83 0.42 24.53
N ASP A 129 -14.28 1.37 23.72
CA ASP A 129 -13.46 2.51 23.31
C ASP A 129 -13.82 3.75 24.13
N SER A 130 -12.97 4.07 25.09
CA SER A 130 -13.21 5.17 26.01
C SER A 130 -13.23 6.52 25.31
N PHE A 131 -12.36 6.70 24.32
CA PHE A 131 -11.95 8.00 23.82
C PHE A 131 -12.25 8.25 22.33
N ASP A 132 -12.71 9.48 22.12
CA ASP A 132 -13.33 9.94 20.88
C ASP A 132 -12.35 10.48 19.83
N ASN A 133 -11.58 9.59 19.21
CA ASN A 133 -10.54 10.03 18.32
C ASN A 133 -11.14 10.70 17.10
N ASP A 134 -12.34 10.29 16.72
CA ASP A 134 -12.96 10.82 15.50
C ASP A 134 -13.77 12.09 15.80
N GLY A 135 -13.81 12.50 17.07
CA GLY A 135 -14.51 13.71 17.50
C GLY A 135 -15.95 13.80 17.05
N LYS A 136 -16.70 12.71 17.16
CA LYS A 136 -18.11 12.69 16.81
C LYS A 136 -18.98 12.68 18.10
N LYS A 137 -18.35 12.92 19.25
CA LYS A 137 -19.04 12.96 20.55
C LYS A 137 -19.93 11.73 20.79
N ASN A 138 -19.41 10.57 20.43
CA ASN A 138 -20.14 9.30 20.48
C ASN A 138 -19.32 8.22 21.21
N ASN A 139 -18.57 8.66 22.22
CA ASN A 139 -17.76 7.78 23.04
C ASN A 139 -18.00 8.11 24.51
N PRO A 140 -17.85 7.13 25.42
CA PRO A 140 -17.35 5.77 25.23
C PRO A 140 -18.34 4.90 24.48
N ALA A 141 -17.82 3.88 23.84
CA ALA A 141 -18.61 3.10 22.91
C ALA A 141 -18.04 1.68 22.80
N ILE A 142 -18.92 0.77 22.40
CA ILE A 142 -18.63 -0.64 22.35
C ILE A 142 -18.84 -1.03 20.91
N VAL A 143 -17.85 -1.65 20.32
CA VAL A 143 -17.75 -1.71 18.86
C VAL A 143 -17.31 -3.08 18.45
N ILE A 144 -18.08 -3.72 17.59
CA ILE A 144 -17.72 -5.06 17.17
C ILE A 144 -16.96 -4.99 15.84
N ILE A 145 -15.82 -5.64 15.77
CA ILE A 145 -14.98 -5.53 14.59
C ILE A 145 -14.50 -6.89 14.23
N GLY A 146 -14.94 -7.36 13.04
CA GLY A 146 -14.46 -8.60 12.45
C GLY A 146 -13.22 -8.33 11.61
N ASN A 147 -12.46 -9.38 11.33
CA ASN A 147 -11.25 -9.20 10.52
C ASN A 147 -10.78 -10.55 9.98
N ASN A 148 -10.18 -10.52 8.79
CA ASN A 148 -9.74 -11.70 8.09
C ASN A 148 -8.24 -11.77 7.96
N GLY A 149 -7.53 -10.93 8.69
CA GLY A 149 -6.09 -10.91 8.66
C GLY A 149 -5.51 -9.89 7.69
N GLN A 150 -6.36 -9.02 7.15
CA GLN A 150 -5.93 -8.04 6.15
C GLN A 150 -6.30 -6.62 6.48
N ILE A 151 -7.16 -6.39 7.47
CA ILE A 151 -7.54 -5.00 7.86
C ILE A 151 -6.70 -4.38 9.02
N HIS A 152 -6.25 -3.15 8.84
CA HIS A 152 -5.64 -2.37 9.92
C HIS A 152 -6.76 -1.73 10.70
N TYR A 153 -6.77 -1.91 12.02
CA TYR A 153 -7.75 -1.17 12.82
C TYR A 153 -7.48 0.30 12.66
N ASP A 154 -8.54 1.07 12.45
CA ASP A 154 -8.46 2.51 12.18
C ASP A 154 -8.53 3.30 13.52
N HIS A 155 -7.39 3.40 14.18
CA HIS A 155 -7.38 3.90 15.54
C HIS A 155 -8.01 5.25 15.54
N GLN A 156 -7.70 6.06 14.54
CA GLN A 156 -8.13 7.43 14.50
C GLN A 156 -9.58 7.63 14.20
N ASN A 157 -10.29 6.64 13.68
CA ASN A 157 -11.77 6.73 13.55
C ASN A 157 -12.60 5.85 14.51
N ASP A 158 -11.96 5.30 15.54
CA ASP A 158 -12.68 4.58 16.58
C ASP A 158 -13.32 3.41 15.88
N GLY A 159 -12.64 2.89 14.87
CA GLY A 159 -13.16 1.69 14.15
C GLY A 159 -14.44 1.94 13.35
N ALA A 160 -14.74 3.19 12.96
CA ALA A 160 -16.12 3.55 12.60
C ALA A 160 -16.56 2.84 11.36
N SER A 161 -15.76 2.92 10.30
CA SER A 161 -16.18 2.34 9.05
C SER A 161 -15.99 0.83 9.06
N GLN A 162 -15.20 0.30 10.00
CA GLN A 162 -15.00 -1.15 10.13
C GLN A 162 -15.94 -1.85 11.08
N ALA A 163 -16.79 -1.12 11.79
CA ALA A 163 -17.62 -1.77 12.79
C ALA A 163 -18.80 -2.51 12.18
N LEU A 164 -18.95 -3.79 12.51
CA LEU A 164 -20.18 -4.52 12.18
C LEU A 164 -21.36 -4.00 12.98
N ALA A 165 -21.14 -3.61 14.22
CA ALA A 165 -22.21 -3.13 15.08
C ALA A 165 -21.58 -2.41 16.25
N SER A 166 -22.41 -1.67 16.95
CA SER A 166 -21.91 -0.85 18.00
C SER A 166 -23.02 -0.29 18.87
N CYS A 167 -22.61 0.30 19.97
CA CYS A 167 -23.52 1.00 20.84
C CYS A 167 -22.73 1.98 21.65
N GLN A 168 -23.39 3.00 22.16
CA GLN A 168 -22.76 3.95 23.08
C GLN A 168 -23.10 3.54 24.49
N ARG A 169 -22.08 3.43 25.35
CA ARG A 169 -22.29 2.97 26.70
C ARG A 169 -21.13 3.42 27.55
N ASP A 170 -21.40 4.22 28.58
CA ASP A 170 -20.36 4.81 29.40
C ASP A 170 -20.01 3.76 30.44
N PHE A 171 -18.92 3.04 30.21
CA PHE A 171 -18.51 1.95 31.08
C PHE A 171 -17.49 2.42 32.12
N ARG A 172 -17.19 3.71 32.12
CA ARG A 172 -16.19 4.25 33.03
C ARG A 172 -16.77 4.67 34.33
N ASN A 173 -15.94 4.56 35.36
CA ASN A 173 -16.16 5.16 36.67
C ASN A 173 -17.46 4.84 37.26
N LYS A 174 -17.77 3.56 37.29
CA LYS A 174 -19.07 3.15 37.78
C LYS A 174 -19.01 2.65 39.20
N PRO A 175 -20.12 2.79 39.92
CA PRO A 175 -20.11 2.34 41.30
C PRO A 175 -19.82 0.84 41.47
N TYR A 176 -20.32 -0.02 40.57
CA TYR A 176 -20.08 -1.46 40.65
C TYR A 176 -19.49 -1.96 39.34
N PRO A 177 -18.87 -3.15 39.35
CA PRO A 177 -18.19 -3.52 38.13
C PRO A 177 -19.12 -3.67 36.98
N VAL A 178 -18.60 -3.35 35.81
CA VAL A 178 -19.28 -3.56 34.56
C VAL A 178 -19.10 -5.01 34.14
N ARG A 179 -20.12 -5.60 33.52
CA ARG A 179 -20.03 -6.97 33.00
C ARG A 179 -20.50 -7.03 31.55
N ALA A 180 -19.69 -7.63 30.70
CA ALA A 180 -20.07 -7.85 29.32
C ALA A 180 -20.36 -9.30 29.20
N LYS A 181 -21.50 -9.62 28.63
CA LYS A 181 -21.78 -10.97 28.23
C LYS A 181 -21.74 -11.02 26.70
N ILE A 182 -20.86 -11.87 26.17
CA ILE A 182 -20.64 -11.97 24.75
C ILE A 182 -20.97 -13.37 24.30
N THR A 183 -21.96 -13.50 23.42
CA THR A 183 -22.47 -14.81 23.05
C THR A 183 -22.37 -15.02 21.57
N TYR A 184 -21.76 -16.14 21.17
CA TYR A 184 -21.74 -16.59 19.78
C TYR A 184 -22.55 -17.86 19.75
N TYR A 185 -23.77 -17.77 19.24
CA TYR A 185 -24.69 -18.90 19.12
C TYR A 185 -25.34 -18.92 17.74
N GLN A 186 -25.18 -20.04 17.03
CA GLN A 186 -25.84 -20.22 15.75
C GLN A 186 -25.44 -19.08 14.82
N ASN A 187 -24.15 -18.82 14.76
CA ASN A 187 -23.58 -17.72 13.93
C ASN A 187 -24.03 -16.31 14.17
N THR A 188 -24.63 -16.04 15.34
CA THR A 188 -24.89 -14.65 15.67
C THR A 188 -24.19 -14.27 16.97
N LEU A 189 -23.60 -13.07 16.96
CA LEU A 189 -22.80 -12.57 18.06
C LEU A 189 -23.58 -11.48 18.71
N THR A 190 -23.91 -11.70 19.99
CA THR A 190 -24.64 -10.72 20.79
C THR A 190 -23.76 -10.23 21.94
N VAL A 191 -23.77 -8.92 22.13
CA VAL A 191 -23.18 -8.27 23.29
C VAL A 191 -24.25 -7.70 24.19
N MET A 192 -24.23 -8.14 25.44
CA MET A 192 -25.11 -7.58 26.44
C MET A 192 -24.23 -6.97 27.50
N ILE A 193 -24.63 -5.82 28.04
CA ILE A 193 -23.81 -5.13 29.04
C ILE A 193 -24.60 -4.87 30.30
N ASN A 194 -24.03 -5.20 31.44
CA ASN A 194 -24.52 -4.72 32.71
C ASN A 194 -23.70 -3.50 33.02
N ASN A 195 -24.35 -2.34 33.07
CA ASN A 195 -23.63 -1.07 33.12
C ASN A 195 -23.06 -0.67 34.52
N GLY A 196 -23.21 -1.54 35.53
CA GLY A 196 -22.54 -1.35 36.81
C GLY A 196 -23.15 -0.29 37.69
N PHE A 197 -24.39 0.09 37.42
CA PHE A 197 -25.10 1.06 38.30
C PHE A 197 -25.57 0.42 39.58
N THR A 198 -25.78 -0.90 39.56
CA THR A 198 -26.26 -1.64 40.71
C THR A 198 -25.42 -2.87 41.01
N PRO A 199 -25.59 -3.44 42.22
CA PRO A 199 -24.89 -4.69 42.58
C PRO A 199 -25.46 -5.91 41.94
N ASP A 200 -26.66 -5.81 41.38
CA ASP A 200 -27.26 -6.94 40.68
C ASP A 200 -26.37 -7.30 39.52
N LYS A 201 -25.84 -8.51 39.52
CA LYS A 201 -24.91 -8.89 38.48
C LYS A 201 -25.65 -9.40 37.20
N ASN A 202 -26.96 -9.62 37.28
CA ASN A 202 -27.73 -10.07 36.11
C ASN A 202 -28.44 -8.98 35.40
N ASP A 203 -28.26 -7.73 35.80
CA ASP A 203 -28.97 -6.61 35.19
C ASP A 203 -28.35 -6.22 33.83
N TYR A 204 -28.41 -7.11 32.83
CA TYR A 204 -27.87 -6.83 31.49
C TYR A 204 -28.84 -6.10 30.58
N GLU A 205 -28.29 -5.27 29.72
CA GLU A 205 -29.04 -4.56 28.69
C GLU A 205 -28.41 -4.82 27.34
N PHE A 206 -29.27 -4.84 26.32
CA PHE A 206 -28.81 -5.12 24.98
C PHE A 206 -27.90 -3.99 24.55
N CYS A 207 -26.82 -4.35 23.85
CA CYS A 207 -25.94 -3.39 23.25
C CYS A 207 -25.91 -3.62 21.72
N ALA A 208 -25.49 -4.80 21.27
CA ALA A 208 -25.29 -4.98 19.83
C ALA A 208 -25.32 -6.41 19.44
N LYS A 209 -25.50 -6.63 18.14
CA LYS A 209 -25.73 -7.97 17.64
C LYS A 209 -25.26 -8.02 16.21
N VAL A 210 -24.61 -9.11 15.83
CA VAL A 210 -24.26 -9.32 14.44
C VAL A 210 -24.75 -10.69 14.03
N GLU A 211 -25.63 -10.71 13.02
CA GLU A 211 -26.23 -11.95 12.52
C GLU A 211 -25.30 -12.57 11.49
N ASN A 212 -25.40 -13.86 11.30
CA ASN A 212 -24.73 -14.50 10.14
C ASN A 212 -23.26 -14.13 10.09
N MET A 213 -22.61 -14.28 11.21
CA MET A 213 -21.23 -13.91 11.34
C MET A 213 -20.35 -15.14 11.42
N ILE A 214 -19.31 -15.18 10.59
CA ILE A 214 -18.51 -16.38 10.51
C ILE A 214 -17.10 -16.03 11.02
N ILE A 215 -16.66 -16.79 12.02
CA ILE A 215 -15.37 -16.58 12.67
C ILE A 215 -14.69 -17.94 12.75
N PRO A 216 -13.37 -17.97 12.97
CA PRO A 216 -12.65 -19.25 12.97
C PRO A 216 -13.26 -20.29 13.89
N ALA A 217 -13.12 -21.57 13.54
CA ALA A 217 -13.67 -22.66 14.34
C ALA A 217 -12.81 -22.91 15.57
N GLN A 218 -11.56 -22.47 15.53
CA GLN A 218 -10.68 -22.51 16.68
C GLN A 218 -10.00 -21.17 16.85
N GLY A 219 -9.85 -20.78 18.11
CA GLY A 219 -9.20 -19.53 18.42
C GLY A 219 -8.81 -19.37 19.87
N HIS A 220 -7.92 -18.41 20.11
CA HIS A 220 -7.60 -17.97 21.46
C HIS A 220 -8.65 -16.95 21.90
N PHE A 221 -8.93 -16.95 23.21
CA PHE A 221 -9.64 -15.85 23.82
C PHE A 221 -8.61 -14.91 24.43
N GLY A 222 -8.94 -13.63 24.40
CA GLY A 222 -7.99 -12.62 24.78
C GLY A 222 -8.63 -11.42 25.42
N ILE A 223 -7.82 -10.64 26.12
CA ILE A 223 -8.25 -9.39 26.62
C ILE A 223 -7.03 -8.47 26.68
N SER A 224 -7.21 -7.25 26.22
CA SER A 224 -6.11 -6.31 26.18
C SER A 224 -6.60 -4.90 26.44
N ALA A 225 -5.67 -4.02 26.78
CA ALA A 225 -5.97 -2.63 27.03
C ALA A 225 -4.74 -1.77 26.86
N ALA A 226 -4.97 -0.50 26.68
CA ALA A 226 -3.89 0.45 26.40
C ALA A 226 -4.31 1.83 26.85
N THR A 227 -3.34 2.70 26.99
CA THR A 227 -3.54 4.09 27.33
C THR A 227 -2.69 4.92 26.38
N GLY A 228 -3.04 6.20 26.26
CA GLY A 228 -2.23 7.15 25.46
C GLY A 228 -1.63 8.25 26.33
N GLY A 229 -1.97 9.50 26.01
CA GLY A 229 -1.57 10.62 26.84
C GLY A 229 -2.49 10.79 28.03
N LEU A 230 -3.79 10.63 27.78
CA LEU A 230 -4.78 10.27 28.80
C LEU A 230 -4.66 8.77 29.21
N ALA A 231 -5.14 8.41 30.40
CA ALA A 231 -4.99 7.05 30.93
C ALA A 231 -5.95 6.66 32.05
N ASP A 232 -6.76 5.63 31.85
CA ASP A 232 -7.47 4.97 32.96
C ASP A 232 -6.77 3.65 33.37
N ASP A 233 -7.07 3.17 34.58
CA ASP A 233 -6.71 1.83 35.00
C ASP A 233 -7.76 0.97 34.35
N HIS A 234 -7.34 -0.13 33.75
CA HIS A 234 -8.25 -1.06 33.12
C HIS A 234 -8.12 -2.36 33.84
N ASP A 235 -9.13 -2.69 34.63
CA ASP A 235 -9.09 -3.86 35.49
C ASP A 235 -10.11 -4.87 35.02
N VAL A 236 -9.70 -6.13 34.96
CA VAL A 236 -10.58 -7.21 34.63
C VAL A 236 -10.64 -8.15 35.81
N LEU A 237 -11.81 -8.30 36.42
CA LEU A 237 -11.93 -9.12 37.62
C LEU A 237 -12.03 -10.64 37.34
N SER A 238 -12.69 -10.98 36.23
CA SER A 238 -12.83 -12.36 35.81
C SER A 238 -13.16 -12.42 34.34
N PHE A 239 -12.72 -13.50 33.72
CA PHE A 239 -13.08 -13.84 32.36
C PHE A 239 -13.66 -15.26 32.44
N LEU A 240 -14.96 -15.40 32.31
CA LEU A 240 -15.55 -16.70 32.39
C LEU A 240 -16.07 -17.14 31.04
N THR A 241 -15.55 -18.27 30.59
CA THR A 241 -15.87 -18.86 29.27
C THR A 241 -16.76 -20.11 29.38
N PHE A 242 -17.87 -20.08 28.65
CA PHE A 242 -18.81 -21.14 28.64
C PHE A 242 -18.94 -21.68 27.23
N GLN A 243 -19.11 -22.99 27.11
CA GLN A 243 -19.43 -23.66 25.83
C GLN A 243 -20.91 -23.98 25.75
N LEU A 244 -21.54 -23.65 24.61
CA LEU A 244 -22.97 -23.83 24.36
C LEU A 244 -23.37 -25.01 23.43
N THR A 245 -24.66 -25.36 23.39
CA THR A 245 -25.15 -26.40 22.45
C THR A 245 -26.50 -26.09 21.76
N MET B 64 -19.80 -31.71 66.04
CA MET B 64 -19.49 -31.29 64.63
C MET B 64 -19.13 -32.56 63.76
N SER B 65 -20.04 -33.06 62.91
CA SER B 65 -19.91 -34.42 62.33
C SER B 65 -18.93 -34.45 61.16
N PRO B 66 -18.54 -35.64 60.66
CA PRO B 66 -17.76 -35.72 59.42
C PRO B 66 -18.37 -34.96 58.24
N GLN B 67 -19.64 -35.21 58.01
CA GLN B 67 -20.38 -34.59 56.91
C GLN B 67 -20.42 -33.09 57.07
N GLU B 68 -20.68 -32.61 58.28
CA GLU B 68 -20.66 -31.17 58.50
C GLU B 68 -19.32 -30.58 58.03
N LEU B 69 -18.24 -31.37 58.12
CA LEU B 69 -16.92 -30.92 57.73
C LEU B 69 -16.74 -31.03 56.24
N GLN B 70 -17.14 -32.15 55.63
CA GLN B 70 -17.24 -32.17 54.17
C GLN B 70 -17.95 -30.89 53.65
N LEU B 71 -19.08 -30.55 54.24
CA LEU B 71 -19.87 -29.42 53.79
C LEU B 71 -19.15 -28.10 54.00
N HIS B 72 -18.55 -27.92 55.17
CA HIS B 72 -17.82 -26.69 55.50
C HIS B 72 -16.65 -26.57 54.52
N TYR B 73 -15.99 -27.70 54.24
CA TYR B 73 -14.90 -27.73 53.28
C TYR B 73 -15.39 -27.29 51.89
N PHE B 74 -16.51 -27.86 51.46
CA PHE B 74 -17.10 -27.54 50.17
C PHE B 74 -17.30 -26.06 50.08
N LYS B 75 -18.04 -25.51 51.02
CA LYS B 75 -18.35 -24.08 50.90
C LYS B 75 -17.20 -23.15 51.27
N MET B 76 -16.12 -23.69 51.84
CA MET B 76 -14.88 -22.92 52.04
C MET B 76 -14.25 -22.58 50.70
N HIS B 77 -14.39 -23.46 49.71
CA HIS B 77 -13.88 -23.20 48.36
C HIS B 77 -14.88 -22.63 47.37
N ASP B 78 -16.10 -22.34 47.83
CA ASP B 78 -17.08 -21.73 46.96
C ASP B 78 -16.98 -20.20 47.05
N TYR B 79 -15.90 -19.64 46.48
CA TYR B 79 -15.60 -18.23 46.69
C TYR B 79 -16.67 -17.30 46.14
N ASP B 80 -17.38 -17.68 45.09
CA ASP B 80 -18.45 -16.82 44.53
C ASP B 80 -19.86 -17.13 45.09
N GLY B 81 -19.96 -18.08 46.01
CA GLY B 81 -21.20 -18.32 46.74
C GLY B 81 -22.40 -18.73 45.92
N ASN B 82 -22.16 -19.48 44.84
CA ASN B 82 -23.22 -20.01 43.96
C ASN B 82 -23.48 -21.50 44.27
N ASN B 83 -23.06 -21.95 45.44
CA ASN B 83 -23.21 -23.34 45.85
C ASN B 83 -22.67 -24.40 44.91
N LEU B 84 -21.68 -24.07 44.08
CA LEU B 84 -21.07 -25.02 43.15
C LEU B 84 -19.59 -24.81 43.10
N LEU B 85 -18.86 -25.85 42.74
CA LEU B 85 -17.42 -25.77 42.65
C LEU B 85 -17.00 -25.98 41.21
N ASP B 86 -16.48 -24.92 40.60
CA ASP B 86 -15.97 -25.01 39.25
C ASP B 86 -14.49 -25.41 39.24
N GLY B 87 -13.95 -25.63 38.05
CA GLY B 87 -12.59 -26.10 37.92
C GLY B 87 -11.59 -25.20 38.60
N LEU B 88 -11.82 -23.90 38.57
CA LEU B 88 -10.82 -22.96 39.12
C LEU B 88 -10.82 -23.04 40.62
N GLU B 89 -12.03 -23.10 41.18
CA GLU B 89 -12.21 -23.31 42.63
C GLU B 89 -11.51 -24.58 43.10
N LEU B 90 -11.66 -25.67 42.34
CA LEU B 90 -11.01 -26.93 42.71
C LEU B 90 -9.52 -26.79 42.62
N SER B 91 -9.04 -26.04 41.65
CA SER B 91 -7.60 -25.92 41.48
C SER B 91 -6.91 -25.36 42.75
N THR B 92 -7.60 -24.46 43.47
CA THR B 92 -7.04 -23.86 44.69
C THR B 92 -6.97 -24.87 45.83
N ALA B 93 -7.88 -25.84 45.82
CA ALA B 93 -7.84 -26.96 46.77
C ALA B 93 -6.69 -27.89 46.40
N ILE B 94 -6.59 -28.23 45.12
CA ILE B 94 -5.53 -29.10 44.59
C ILE B 94 -4.12 -28.51 44.77
N THR B 95 -3.99 -27.24 45.18
CA THR B 95 -2.68 -26.65 45.48
C THR B 95 -2.63 -25.98 46.88
N HIS B 96 -3.02 -26.71 47.92
CA HIS B 96 -2.75 -26.33 49.33
C HIS B 96 -2.09 -27.49 50.03
N MET B 109 3.61 -27.46 40.92
CA MET B 109 3.30 -28.55 39.98
C MET B 109 2.99 -27.96 38.63
N SER B 110 3.22 -28.72 37.56
CA SER B 110 3.00 -28.19 36.22
C SER B 110 1.51 -28.03 35.97
N GLU B 111 1.18 -27.22 34.97
CA GLU B 111 -0.20 -27.00 34.57
C GLU B 111 -0.82 -28.25 33.98
N ASP B 112 0.01 -29.05 33.31
CA ASP B 112 -0.45 -30.30 32.72
C ASP B 112 -0.82 -31.29 33.82
N GLU B 113 -0.05 -31.34 34.91
CA GLU B 113 -0.44 -32.14 36.09
C GLU B 113 -1.77 -31.65 36.66
N LEU B 114 -1.89 -30.33 36.80
CA LEU B 114 -3.08 -29.69 37.32
C LEU B 114 -4.30 -29.96 36.42
N ILE B 115 -4.13 -29.78 35.12
CA ILE B 115 -5.20 -30.07 34.20
C ILE B 115 -5.69 -31.51 34.33
N ASN B 116 -4.76 -32.48 34.42
CA ASN B 116 -5.15 -33.92 34.50
C ASN B 116 -6.04 -34.14 35.69
N ILE B 117 -5.58 -33.69 36.85
CA ILE B 117 -6.35 -33.87 38.06
C ILE B 117 -7.78 -33.30 37.92
N ILE B 118 -7.88 -32.07 37.41
CA ILE B 118 -9.17 -31.37 37.34
C ILE B 118 -10.06 -32.07 36.33
N ASP B 119 -9.54 -32.26 35.13
CA ASP B 119 -10.26 -32.97 34.09
C ASP B 119 -10.75 -34.28 34.68
N GLY B 120 -9.84 -34.96 35.40
CA GLY B 120 -10.15 -36.17 36.15
C GLY B 120 -11.34 -36.02 37.08
N VAL B 121 -11.29 -35.03 37.97
CA VAL B 121 -12.43 -34.81 38.86
C VAL B 121 -13.75 -34.63 38.10
N LEU B 122 -13.73 -33.80 37.06
CA LEU B 122 -14.96 -33.47 36.32
C LEU B 122 -15.54 -34.65 35.54
N ARG B 123 -14.63 -35.50 35.05
CA ARG B 123 -15.01 -36.69 34.31
C ARG B 123 -15.71 -37.67 35.24
N ASP B 124 -15.09 -37.90 36.39
CA ASP B 124 -15.60 -38.86 37.35
C ASP B 124 -16.83 -38.30 38.07
N ASP B 125 -16.82 -37.04 38.46
CA ASP B 125 -17.83 -36.58 39.43
C ASP B 125 -18.91 -35.62 38.93
N ASP B 126 -18.70 -34.97 37.77
CA ASP B 126 -19.68 -33.99 37.24
C ASP B 126 -20.69 -34.71 36.34
N LYS B 127 -21.78 -35.15 36.94
CA LYS B 127 -22.78 -35.98 36.27
C LYS B 127 -23.44 -35.28 35.11
N ASN B 128 -24.11 -34.16 35.36
CA ASN B 128 -24.78 -33.40 34.28
C ASN B 128 -23.87 -32.69 33.24
N ASN B 129 -22.56 -32.88 33.37
CA ASN B 129 -21.56 -32.25 32.50
C ASN B 129 -21.72 -30.74 32.23
N ASP B 130 -21.79 -29.96 33.31
CA ASP B 130 -21.98 -28.48 33.24
C ASP B 130 -20.78 -27.67 33.74
N GLY B 131 -19.68 -28.35 34.05
CA GLY B 131 -18.45 -27.70 34.47
C GLY B 131 -18.38 -27.47 35.96
N TYR B 132 -19.46 -27.80 36.66
CA TYR B 132 -19.57 -27.60 38.10
C TYR B 132 -19.76 -28.93 38.82
N ILE B 133 -19.34 -28.99 40.08
CA ILE B 133 -19.81 -30.05 40.98
C ILE B 133 -20.54 -29.44 42.20
N ASP B 134 -21.76 -29.92 42.44
CA ASP B 134 -22.56 -29.50 43.58
C ASP B 134 -22.29 -30.40 44.80
N TYR B 135 -22.82 -30.02 45.95
CA TYR B 135 -22.49 -30.71 47.19
C TYR B 135 -22.83 -32.19 47.11
N ALA B 136 -23.94 -32.52 46.47
CA ALA B 136 -24.29 -33.92 46.27
C ALA B 136 -23.18 -34.63 45.49
N GLU B 137 -22.83 -34.10 44.33
CA GLU B 137 -21.77 -34.67 43.51
C GLU B 137 -20.44 -34.74 44.26
N PHE B 138 -20.19 -33.75 45.11
CA PHE B 138 -18.94 -33.69 45.88
C PHE B 138 -18.85 -34.83 46.88
N ALA B 139 -19.88 -34.95 47.72
CA ALA B 139 -20.06 -36.04 48.69
C ALA B 139 -19.86 -37.41 48.07
N LYS B 140 -20.56 -37.68 46.99
CA LYS B 140 -20.44 -38.90 46.22
C LYS B 140 -18.99 -39.40 46.03
N SER B 141 -17.99 -38.52 45.92
CA SER B 141 -16.56 -38.94 45.91
C SER B 141 -16.04 -39.56 47.23
N PRO C 19 36.70 11.99 -26.79
CA PRO C 19 35.25 11.99 -27.09
C PRO C 19 34.73 13.41 -27.42
N HIS C 20 33.87 13.52 -28.43
CA HIS C 20 33.43 14.83 -28.91
C HIS C 20 32.15 15.22 -28.15
N ARG C 21 32.16 16.43 -27.55
CA ARG C 21 31.01 16.90 -26.76
C ARG C 21 30.16 17.86 -27.56
N ARG C 22 28.86 17.65 -27.53
CA ARG C 22 27.90 18.57 -28.05
C ARG C 22 27.04 19.18 -26.91
N PHE C 23 26.91 20.51 -26.92
CA PHE C 23 26.12 21.18 -25.91
C PHE C 23 24.65 21.00 -26.25
N GLU C 24 23.85 20.67 -25.27
CA GLU C 24 22.47 20.43 -25.47
C GLU C 24 21.66 21.45 -24.69
N TYR C 25 21.29 22.53 -25.38
CA TYR C 25 20.59 23.65 -24.73
C TYR C 25 19.27 23.19 -24.10
N LYS C 26 18.60 22.24 -24.73
CA LYS C 26 17.26 21.89 -24.30
C LYS C 26 17.30 21.14 -22.95
N TYR C 27 18.48 20.73 -22.51
CA TYR C 27 18.62 20.10 -21.20
C TYR C 27 19.50 20.93 -20.26
N SER C 28 19.39 22.26 -20.38
CA SER C 28 20.31 23.18 -19.72
C SER C 28 19.66 24.47 -19.27
N PHE C 29 20.27 25.14 -18.30
CA PHE C 29 19.79 26.47 -17.91
C PHE C 29 20.93 27.24 -17.29
N LYS C 30 20.83 28.58 -17.36
CA LYS C 30 21.82 29.47 -16.80
C LYS C 30 21.43 30.96 -16.85
N GLY C 31 22.21 31.79 -16.18
CA GLY C 31 21.99 33.22 -16.19
C GLY C 31 22.55 33.78 -17.48
N PRO C 32 22.57 35.12 -17.61
CA PRO C 32 21.84 36.08 -16.81
C PRO C 32 20.33 36.18 -17.11
N HIS C 33 19.80 35.51 -18.10
CA HIS C 33 18.35 35.64 -18.34
C HIS C 33 17.72 34.28 -18.19
N LEU C 34 17.75 33.77 -16.96
CA LEU C 34 17.32 32.41 -16.63
C LEU C 34 15.79 32.26 -16.65
N VAL C 35 15.08 32.88 -15.71
CA VAL C 35 13.61 32.93 -15.83
C VAL C 35 13.13 33.85 -16.93
N GLN C 36 12.10 33.41 -17.64
CA GLN C 36 11.30 34.28 -18.49
C GLN C 36 10.21 34.96 -17.65
N SER C 37 9.50 35.91 -18.26
CA SER C 37 8.57 36.80 -17.53
C SER C 37 7.35 36.13 -16.88
N ASP C 38 6.97 34.95 -17.34
CA ASP C 38 5.94 34.19 -16.63
C ASP C 38 6.50 33.39 -15.44
N GLY C 39 7.76 33.64 -15.11
CA GLY C 39 8.42 33.02 -13.96
C GLY C 39 8.86 31.58 -14.15
N THR C 40 9.08 31.19 -15.40
CA THR C 40 9.40 29.80 -15.71
C THR C 40 10.78 29.70 -16.33
N VAL C 41 11.40 28.54 -16.16
CA VAL C 41 12.72 28.25 -16.72
C VAL C 41 12.53 27.54 -18.04
N PRO C 42 13.05 28.09 -19.14
CA PRO C 42 12.73 27.39 -20.39
C PRO C 42 13.24 25.95 -20.38
N PHE C 43 12.39 25.05 -20.87
CA PHE C 43 12.65 23.61 -20.96
C PHE C 43 12.66 22.85 -19.64
N TRP C 44 12.49 23.50 -18.51
CA TRP C 44 12.50 22.81 -17.23
C TRP C 44 11.23 23.10 -16.42
N ALA C 45 10.75 22.11 -15.67
CA ALA C 45 9.64 22.27 -14.71
C ALA C 45 10.17 22.38 -13.29
N HIS C 46 9.74 23.40 -12.55
CA HIS C 46 10.23 23.53 -11.17
C HIS C 46 9.07 23.34 -10.23
N ALA C 47 9.36 22.90 -9.02
CA ALA C 47 8.32 22.61 -8.10
C ALA C 47 8.78 22.75 -6.65
N GLY C 48 7.81 22.70 -5.74
CA GLY C 48 8.06 22.80 -4.33
C GLY C 48 8.43 24.21 -4.05
N ASN C 49 9.37 24.38 -3.13
CA ASN C 49 9.89 25.67 -2.74
C ASN C 49 10.89 26.35 -3.67
N ALA C 50 11.10 25.83 -4.85
CA ALA C 50 12.17 26.38 -5.72
C ALA C 50 11.79 27.76 -6.19
N ILE C 51 12.72 28.69 -6.07
CA ILE C 51 12.54 30.06 -6.56
C ILE C 51 13.49 30.35 -7.72
N PRO C 52 12.95 30.43 -8.93
CA PRO C 52 13.83 30.82 -10.06
C PRO C 52 14.03 32.31 -10.14
N SER C 53 15.19 32.85 -9.82
CA SER C 53 15.46 34.23 -10.24
C SER C 53 16.18 34.18 -11.59
N SER C 54 16.88 35.22 -11.99
CA SER C 54 17.39 35.28 -13.36
C SER C 54 18.87 34.98 -13.45
N ASP C 55 19.58 35.20 -12.34
CA ASP C 55 20.96 34.80 -12.31
C ASP C 55 21.14 33.38 -11.67
N GLN C 56 20.08 32.77 -11.16
CA GLN C 56 20.15 31.43 -10.53
C GLN C 56 18.75 30.84 -10.20
N ILE C 57 18.70 29.59 -9.75
CA ILE C 57 17.49 29.03 -9.12
C ILE C 57 17.85 28.65 -7.71
N ARG C 58 17.13 29.25 -6.76
CA ARG C 58 17.27 28.90 -5.37
C ARG C 58 16.31 27.76 -5.15
N VAL C 59 16.86 26.58 -5.25
CA VAL C 59 16.11 25.34 -5.24
C VAL C 59 15.48 25.12 -3.87
N ALA C 60 16.21 25.47 -2.83
CA ALA C 60 15.65 25.48 -1.50
C ALA C 60 16.35 26.55 -0.68
N PRO C 61 15.60 27.55 -0.23
CA PRO C 61 16.14 28.65 0.53
C PRO C 61 16.26 28.32 1.97
N SER C 62 16.97 29.15 2.72
CA SER C 62 17.29 28.89 4.15
C SER C 62 16.10 29.12 5.10
N LEU C 63 14.98 28.41 4.91
CA LEU C 63 13.90 28.36 5.84
C LEU C 63 13.72 26.92 6.21
N LYS C 64 13.07 26.69 7.34
CA LYS C 64 12.87 25.36 7.89
C LYS C 64 12.02 24.57 6.93
N SER C 65 12.39 23.29 6.77
CA SER C 65 11.54 22.27 6.14
C SER C 65 11.11 22.61 4.76
N GLN C 66 12.05 23.08 3.95
CA GLN C 66 11.85 23.33 2.54
C GLN C 66 12.19 22.09 1.73
N ARG C 67 11.60 22.03 0.56
CA ARG C 67 11.90 21.00 -0.45
C ARG C 67 11.55 21.61 -1.77
N GLY C 68 12.45 21.51 -2.74
CA GLY C 68 12.16 22.05 -4.07
C GLY C 68 12.94 21.32 -5.11
N SER C 69 12.55 21.49 -6.37
CA SER C 69 13.22 20.78 -7.44
C SER C 69 13.01 21.39 -8.81
N VAL C 70 13.82 20.89 -9.75
CA VAL C 70 13.83 21.37 -11.11
C VAL C 70 14.23 20.18 -11.96
N TRP C 71 13.36 19.81 -12.88
CA TRP C 71 13.58 18.70 -13.76
C TRP C 71 13.35 19.14 -15.20
N THR C 72 14.02 18.46 -16.13
CA THR C 72 13.84 18.75 -17.53
C THR C 72 12.44 18.35 -17.90
N LYS C 73 11.84 19.08 -18.82
CA LYS C 73 10.52 18.69 -19.35
C LYS C 73 10.55 17.42 -20.24
N THR C 74 11.59 17.22 -21.02
CA THR C 74 11.71 16.00 -21.81
C THR C 74 12.85 15.09 -21.37
N LYS C 75 12.74 13.80 -21.75
CA LYS C 75 13.81 12.83 -21.55
C LYS C 75 14.88 13.09 -22.56
N ALA C 76 16.09 12.81 -22.13
CA ALA C 76 17.23 12.87 -23.00
C ALA C 76 17.57 11.44 -23.34
N ALA C 77 17.91 11.19 -24.60
CA ALA C 77 18.33 9.86 -25.03
C ALA C 77 19.79 9.84 -25.44
N PHE C 78 20.69 10.10 -24.49
CA PHE C 78 22.12 10.06 -24.78
C PHE C 78 22.77 8.84 -24.13
N GLU C 79 23.46 8.05 -24.93
CA GLU C 79 24.20 6.92 -24.41
C GLU C 79 25.27 7.43 -23.45
N ASN C 80 26.02 8.45 -23.85
CA ASN C 80 26.99 9.07 -23.00
C ASN C 80 26.82 10.58 -22.86
N TRP C 81 27.13 11.12 -21.67
CA TRP C 81 26.92 12.55 -21.38
C TRP C 81 27.76 13.13 -20.27
N GLU C 82 27.71 14.43 -20.18
CA GLU C 82 28.36 15.19 -19.12
C GLU C 82 27.47 16.35 -18.66
N VAL C 83 27.42 16.59 -17.36
CA VAL C 83 26.79 17.81 -16.84
C VAL C 83 27.77 18.63 -16.05
N GLU C 84 27.72 19.92 -16.25
CA GLU C 84 28.53 20.85 -15.48
C GLU C 84 27.50 21.62 -14.67
N VAL C 85 27.47 21.34 -13.37
CA VAL C 85 26.55 22.02 -12.47
C VAL C 85 27.29 22.94 -11.51
N THR C 86 26.87 24.19 -11.52
CA THR C 86 27.52 25.24 -10.73
C THR C 86 26.55 25.72 -9.67
N PHE C 87 26.99 25.76 -8.42
CA PHE C 87 26.08 26.00 -7.34
C PHE C 87 26.75 26.58 -6.10
N ARG C 88 25.93 27.07 -5.17
CA ARG C 88 26.37 27.44 -3.83
C ARG C 88 25.45 26.80 -2.83
N VAL C 89 26.02 26.51 -1.67
CA VAL C 89 25.23 26.10 -0.54
C VAL C 89 25.78 26.96 0.59
N THR C 90 24.90 27.71 1.18
CA THR C 90 25.26 28.88 1.93
C THR C 90 24.42 28.93 3.19
N GLY C 91 25.10 29.09 4.32
CA GLY C 91 24.42 29.27 5.56
C GLY C 91 25.22 30.03 6.58
N ARG C 92 24.53 30.63 7.52
CA ARG C 92 25.13 31.33 8.64
C ARG C 92 26.09 30.50 9.53
N GLY C 93 25.88 29.19 9.65
CA GLY C 93 26.69 28.38 10.55
C GLY C 93 27.82 27.57 9.94
N ARG C 94 28.63 26.95 10.78
CA ARG C 94 29.61 25.97 10.31
C ARG C 94 28.94 24.62 10.01
N ILE C 95 27.65 24.50 10.32
CA ILE C 95 26.88 23.30 10.09
C ILE C 95 25.60 23.72 9.37
N GLY C 96 25.20 23.00 8.31
CA GLY C 96 23.91 23.28 7.63
C GLY C 96 23.15 22.02 7.23
N ALA C 97 22.02 22.16 6.55
CA ALA C 97 21.30 21.01 6.07
C ALA C 97 20.29 21.39 4.99
N ASP C 98 19.76 20.43 4.21
CA ASP C 98 20.14 19.02 4.20
C ASP C 98 21.17 18.77 3.13
N GLY C 99 20.95 19.40 1.99
CA GLY C 99 21.85 19.27 0.84
C GLY C 99 21.12 19.44 -0.50
N LEU C 100 21.73 18.90 -1.52
CA LEU C 100 21.41 19.14 -2.90
C LEU C 100 21.69 17.85 -3.67
N ALA C 101 20.80 17.50 -4.58
CA ALA C 101 20.98 16.28 -5.38
C ALA C 101 20.94 16.61 -6.83
N ILE C 102 21.81 15.94 -7.58
CA ILE C 102 21.76 15.98 -9.03
C ILE C 102 21.30 14.62 -9.54
N TRP C 103 20.33 14.63 -10.44
CA TRP C 103 19.65 13.41 -10.87
C TRP C 103 19.73 13.12 -12.36
N TYR C 104 19.86 11.83 -12.69
CA TYR C 104 19.47 11.31 -14.00
C TYR C 104 18.60 10.14 -13.70
N ALA C 105 17.34 10.19 -14.14
CA ALA C 105 16.34 9.20 -13.74
C ALA C 105 15.25 9.05 -14.75
N GLU C 106 14.76 7.82 -14.88
CA GLU C 106 13.74 7.41 -15.89
C GLU C 106 12.49 8.32 -15.88
N ASN C 107 12.04 8.73 -14.69
CA ASN C 107 10.93 9.65 -14.53
C ASN C 107 11.31 10.83 -13.70
N GLN C 108 10.67 11.96 -14.00
CA GLN C 108 10.75 13.16 -13.17
C GLN C 108 10.35 12.78 -11.78
N GLY C 109 11.06 13.27 -10.77
CA GLY C 109 10.86 12.77 -9.43
C GLY C 109 9.80 13.24 -8.47
N LEU C 110 8.92 14.19 -8.79
CA LEU C 110 7.92 14.59 -7.74
C LEU C 110 8.59 15.22 -6.48
N GLU C 111 7.99 15.03 -5.30
CA GLU C 111 8.51 15.51 -4.03
C GLU C 111 8.79 14.31 -3.18
N GLY C 112 9.56 14.50 -2.14
CA GLY C 112 9.79 13.43 -1.19
C GLY C 112 10.93 13.73 -0.26
N PRO C 113 11.24 12.78 0.62
CA PRO C 113 12.24 12.91 1.68
C PRO C 113 13.70 12.71 1.24
N VAL C 114 13.97 12.54 -0.04
CA VAL C 114 15.38 12.35 -0.45
C VAL C 114 15.89 13.62 -1.16
N PHE C 115 16.55 14.47 -0.40
CA PHE C 115 16.98 15.77 -0.83
C PHE C 115 15.91 16.45 -1.64
N GLY C 116 14.69 16.32 -1.13
CA GLY C 116 13.54 16.98 -1.75
C GLY C 116 12.79 16.19 -2.78
N SER C 117 13.39 15.10 -3.26
CA SER C 117 12.78 14.22 -4.24
C SER C 117 12.28 12.90 -3.65
N ALA C 118 11.61 12.13 -4.49
CA ALA C 118 10.97 10.89 -4.07
C ALA C 118 11.96 9.82 -3.69
N ASP C 119 11.46 8.96 -2.83
CA ASP C 119 12.11 7.82 -2.18
C ASP C 119 12.72 6.81 -3.14
N LEU C 120 12.11 6.71 -4.33
CA LEU C 120 12.17 5.54 -5.23
C LEU C 120 12.37 6.07 -6.64
N TRP C 121 13.45 5.68 -7.30
CA TRP C 121 13.73 6.18 -8.63
C TRP C 121 14.47 5.13 -9.40
N ASN C 122 14.54 5.32 -10.70
CA ASN C 122 15.32 4.43 -11.50
C ASN C 122 16.42 5.18 -12.26
N GLY C 123 17.61 5.16 -11.68
CA GLY C 123 18.76 5.81 -12.27
C GLY C 123 19.78 6.08 -11.17
N VAL C 124 20.33 7.29 -11.18
CA VAL C 124 21.38 7.64 -10.29
C VAL C 124 21.15 9.04 -9.74
N GLY C 125 21.50 9.23 -8.48
CA GLY C 125 21.45 10.54 -7.83
C GLY C 125 22.85 10.79 -7.34
N ILE C 126 23.37 11.99 -7.55
CA ILE C 126 24.61 12.40 -6.92
C ILE C 126 24.26 13.38 -5.82
N PHE C 127 24.47 12.96 -4.58
CA PHE C 127 24.02 13.70 -3.40
C PHE C 127 25.13 14.45 -2.68
N PHE C 128 24.91 15.76 -2.55
CA PHE C 128 25.80 16.63 -1.80
C PHE C 128 25.21 16.79 -0.40
N ASP C 129 25.73 16.02 0.55
CA ASP C 129 25.08 15.83 1.86
C ASP C 129 25.76 16.69 2.90
N SER C 130 25.13 17.80 3.28
CA SER C 130 25.70 18.79 4.20
C SER C 130 25.91 18.24 5.62
N PHE C 131 24.98 17.44 6.09
CA PHE C 131 24.79 17.20 7.53
C PHE C 131 25.22 15.78 8.10
N ASP C 132 25.54 15.69 9.39
CA ASP C 132 25.56 14.36 10.11
C ASP C 132 24.17 13.86 10.58
N LYS C 137 31.62 11.95 11.76
CA LYS C 137 32.17 13.27 11.47
C LYS C 137 32.82 13.29 10.09
N ASN C 138 32.04 12.87 9.11
CA ASN C 138 32.50 12.61 7.76
C ASN C 138 31.59 13.32 6.73
N ASN C 139 31.10 14.49 7.12
CA ASN C 139 30.21 15.33 6.30
C ASN C 139 30.73 16.77 6.42
N PRO C 140 30.53 17.59 5.39
CA PRO C 140 29.77 17.32 4.18
C PRO C 140 30.44 16.32 3.25
N ALA C 141 29.65 15.69 2.40
CA ALA C 141 30.10 14.58 1.60
C ALA C 141 29.28 14.45 0.32
N ILE C 142 29.89 13.83 -0.68
CA ILE C 142 29.32 13.69 -2.01
C ILE C 142 29.19 12.21 -2.23
N VAL C 143 28.00 11.77 -2.58
CA VAL C 143 27.67 10.35 -2.49
C VAL C 143 26.89 9.90 -3.72
N ILE C 144 27.35 8.85 -4.38
CA ILE C 144 26.67 8.40 -5.59
C ILE C 144 25.73 7.28 -5.21
N ILE C 145 24.48 7.33 -5.64
CA ILE C 145 23.50 6.34 -5.22
C ILE C 145 22.69 5.92 -6.40
N GLY C 146 22.82 4.64 -6.78
CA GLY C 146 22.01 4.04 -7.84
C GLY C 146 20.67 3.52 -7.29
N ASN C 147 19.68 3.32 -8.16
CA ASN C 147 18.41 2.70 -7.78
C ASN C 147 17.76 2.25 -9.06
N ASN C 148 17.07 1.12 -8.97
CA ASN C 148 16.51 0.42 -10.14
C ASN C 148 15.00 0.44 -10.11
N GLY C 149 14.43 1.29 -9.29
CA GLY C 149 12.99 1.44 -9.27
C GLY C 149 12.31 0.51 -8.30
N GLN C 150 13.08 -0.14 -7.42
CA GLN C 150 12.46 -0.98 -6.37
C GLN C 150 12.99 -0.74 -4.99
N ILE C 151 13.97 0.15 -4.81
CA ILE C 151 14.41 0.50 -3.46
C ILE C 151 13.66 1.74 -2.99
N HIS C 152 13.17 1.69 -1.77
CA HIS C 152 12.77 2.86 -1.05
C HIS C 152 13.98 3.28 -0.25
N TYR C 153 14.68 4.31 -0.75
CA TYR C 153 15.91 4.80 -0.16
C TYR C 153 15.70 5.69 1.06
N ASP C 154 16.51 5.44 2.07
CA ASP C 154 16.37 6.06 3.35
C ASP C 154 17.79 6.52 3.61
N HIS C 155 18.06 7.77 3.26
CA HIS C 155 19.44 8.21 3.23
C HIS C 155 20.07 7.96 4.57
N GLN C 156 19.32 8.28 5.62
CA GLN C 156 19.85 8.20 6.95
C GLN C 156 20.18 6.74 7.36
N ASN C 157 19.38 5.75 6.96
CA ASN C 157 19.65 4.35 7.38
C ASN C 157 20.25 3.47 6.31
N ASP C 158 20.19 3.90 5.06
CA ASP C 158 20.68 3.05 3.94
C ASP C 158 21.97 3.51 3.26
N GLY C 159 22.30 4.79 3.42
CA GLY C 159 23.33 5.45 2.67
C GLY C 159 24.73 4.91 2.71
N ALA C 160 25.15 4.39 3.86
CA ALA C 160 26.51 3.83 4.01
C ALA C 160 26.61 2.53 3.27
N SER C 161 25.63 1.65 3.46
CA SER C 161 25.70 0.31 2.89
C SER C 161 25.34 0.35 1.39
N GLN C 162 24.76 1.45 0.91
CA GLN C 162 24.38 1.59 -0.50
C GLN C 162 25.19 2.54 -1.39
N ALA C 163 26.04 3.41 -0.86
CA ALA C 163 26.64 4.35 -1.77
C ALA C 163 27.52 3.55 -2.69
N LEU C 164 27.39 3.75 -3.99
CA LEU C 164 28.35 3.18 -4.92
C LEU C 164 29.73 3.79 -4.80
N ALA C 165 29.79 5.07 -4.48
CA ALA C 165 31.08 5.71 -4.28
C ALA C 165 30.82 7.01 -3.59
N SER C 166 31.89 7.59 -3.09
CA SER C 166 31.75 8.79 -2.30
C SER C 166 33.08 9.51 -2.04
N CYS C 167 32.97 10.73 -1.52
CA CYS C 167 34.12 11.50 -1.13
C CYS C 167 33.70 12.56 -0.14
N GLN C 168 34.63 13.04 0.68
CA GLN C 168 34.34 14.09 1.64
C GLN C 168 34.84 15.38 1.07
N ARG C 169 34.00 16.39 1.09
CA ARG C 169 34.29 17.62 0.40
C ARG C 169 33.37 18.68 0.99
N ASP C 170 33.92 19.73 1.57
CA ASP C 170 33.10 20.79 2.17
C ASP C 170 32.69 21.76 1.08
N PHE C 171 31.45 21.65 0.61
CA PHE C 171 30.99 22.48 -0.50
C PHE C 171 30.26 23.73 -0.02
N ARG C 172 30.21 23.92 1.29
CA ARG C 172 29.47 25.05 1.86
C ARG C 172 30.30 26.28 2.04
N ASN C 173 29.63 27.42 1.92
CA ASN C 173 30.16 28.73 2.28
C ASN C 173 31.49 29.03 1.65
N LYS C 174 31.60 28.85 0.36
CA LYS C 174 32.84 29.06 -0.30
C LYS C 174 32.93 30.42 -0.96
N PRO C 175 34.15 30.92 -1.11
CA PRO C 175 34.30 32.21 -1.71
C PRO C 175 33.79 32.29 -3.13
N TYR C 176 33.95 31.24 -3.93
CA TYR C 176 33.45 31.21 -5.34
C TYR C 176 32.57 29.99 -5.56
N PRO C 177 31.78 30.00 -6.63
CA PRO C 177 30.81 28.89 -6.72
C PRO C 177 31.48 27.56 -6.91
N VAL C 178 30.84 26.53 -6.35
CA VAL C 178 31.27 25.17 -6.47
C VAL C 178 30.76 24.65 -7.80
N ARG C 179 31.56 23.80 -8.45
CA ARG C 179 31.15 23.20 -9.71
C ARG C 179 31.36 21.70 -9.64
N ALA C 180 30.32 20.97 -10.01
CA ALA C 180 30.42 19.54 -10.16
C ALA C 180 30.37 19.22 -11.66
N LYS C 181 31.33 18.43 -12.11
CA LYS C 181 31.29 17.89 -13.43
C LYS C 181 31.01 16.41 -13.31
N ILE C 182 29.91 15.97 -13.92
CA ILE C 182 29.46 14.60 -13.80
C ILE C 182 29.41 13.97 -15.17
N THR C 183 30.22 12.93 -15.36
CA THR C 183 30.39 12.33 -16.67
C THR C 183 29.98 10.89 -16.65
N TYR C 184 29.10 10.50 -17.58
CA TYR C 184 28.79 9.11 -17.85
C TYR C 184 29.30 8.77 -19.27
N TYR C 185 30.41 8.02 -19.32
CA TYR C 185 31.07 7.65 -20.57
C TYR C 185 31.47 6.18 -20.53
N GLN C 186 31.01 5.41 -21.51
CA GLN C 186 31.38 4.01 -21.63
C GLN C 186 31.08 3.28 -20.32
N ASN C 187 29.89 3.48 -19.83
CA ASN C 187 29.41 2.89 -18.58
C ASN C 187 30.09 3.22 -17.27
N THR C 188 30.89 4.29 -17.25
CA THR C 188 31.46 4.68 -15.99
C THR C 188 31.07 6.11 -15.68
N LEU C 189 30.75 6.32 -14.42
CA LEU C 189 30.27 7.59 -13.92
C LEU C 189 31.36 8.22 -13.05
N THR C 190 31.85 9.38 -13.48
CA THR C 190 32.89 10.12 -12.77
C THR C 190 32.34 11.44 -12.28
N VAL C 191 32.66 11.78 -11.03
CA VAL C 191 32.39 13.07 -10.43
C VAL C 191 33.67 13.80 -10.17
N MET C 192 33.78 14.99 -10.74
CA MET C 192 34.91 15.88 -10.46
C MET C 192 34.35 17.13 -9.83
N ILE C 193 35.05 17.68 -8.84
CA ILE C 193 34.55 18.86 -8.14
C ILE C 193 35.57 19.98 -8.14
N ASN C 194 35.14 21.16 -8.48
CA ASN C 194 35.89 22.38 -8.26
C ASN C 194 35.36 22.95 -6.97
N ASN C 195 36.21 23.01 -5.96
CA ASN C 195 35.74 23.28 -4.61
C ASN C 195 35.48 24.76 -4.30
N GLY C 196 35.62 25.63 -5.30
CA GLY C 196 35.21 27.03 -5.15
C GLY C 196 36.15 27.88 -4.32
N PHE C 197 37.39 27.45 -4.14
CA PHE C 197 38.38 28.25 -3.44
C PHE C 197 38.93 29.35 -4.29
N THR C 198 38.87 29.21 -5.61
CA THR C 198 39.41 30.19 -6.53
C THR C 198 38.42 30.51 -7.63
N PRO C 199 38.65 31.63 -8.35
CA PRO C 199 37.82 32.00 -9.51
C PRO C 199 38.05 31.16 -10.73
N ASP C 200 39.13 30.39 -10.76
CA ASP C 200 39.40 29.50 -11.88
C ASP C 200 38.27 28.49 -11.94
N LYS C 201 37.52 28.49 -13.03
CA LYS C 201 36.41 27.58 -13.11
C LYS C 201 36.83 26.16 -13.59
N ASN C 202 38.08 25.99 -14.04
CA ASN C 202 38.54 24.68 -14.48
C ASN C 202 39.35 23.95 -13.46
N ASP C 203 39.46 24.49 -12.26
CA ASP C 203 40.26 23.87 -11.21
C ASP C 203 39.49 22.68 -10.55
N TYR C 204 39.24 21.62 -11.33
CA TYR C 204 38.58 20.41 -10.81
C TYR C 204 39.52 19.40 -10.18
N GLU C 205 39.01 18.70 -9.18
CA GLU C 205 39.70 17.60 -8.54
C GLU C 205 38.80 16.36 -8.54
N PHE C 206 39.44 15.21 -8.62
CA PHE C 206 38.72 13.95 -8.61
C PHE C 206 38.03 13.76 -7.29
N CYS C 207 36.80 13.25 -7.33
CA CYS C 207 36.01 12.94 -6.16
C CYS C 207 35.67 11.47 -6.18
N ALA C 208 34.95 11.02 -7.19
CA ALA C 208 34.48 9.62 -7.18
C ALA C 208 34.17 9.09 -8.55
N LYS C 209 34.09 7.76 -8.65
CA LYS C 209 33.94 7.09 -9.93
C LYS C 209 33.23 5.74 -9.72
N VAL C 210 32.32 5.41 -10.60
CA VAL C 210 31.70 4.11 -10.55
C VAL C 210 31.80 3.45 -11.91
N GLU C 211 32.47 2.30 -11.94
CA GLU C 211 32.79 1.60 -13.18
C GLU C 211 31.63 0.67 -13.49
N ASN C 212 31.47 0.33 -14.77
CA ASN C 212 30.58 -0.76 -15.16
C ASN C 212 29.20 -0.56 -14.60
N MET C 213 28.69 0.66 -14.78
CA MET C 213 27.45 1.06 -14.16
C MET C 213 26.41 1.14 -15.25
N ILE C 214 25.24 0.53 -15.02
CA ILE C 214 24.19 0.63 -16.02
C ILE C 214 23.06 1.46 -15.49
N ILE C 215 22.63 2.43 -16.29
CA ILE C 215 21.52 3.31 -15.98
C ILE C 215 20.63 3.37 -17.21
N PRO C 216 19.41 3.87 -17.06
CA PRO C 216 18.50 3.91 -18.20
C PRO C 216 19.03 4.61 -19.41
N ALA C 217 18.58 4.19 -20.59
CA ALA C 217 19.06 4.77 -21.85
C ALA C 217 18.39 6.09 -22.13
N GLN C 218 17.26 6.33 -21.48
CA GLN C 218 16.59 7.61 -21.56
C GLN C 218 16.18 8.04 -20.17
N GLY C 219 16.28 9.34 -19.89
CA GLY C 219 15.95 9.87 -18.59
C GLY C 219 15.83 11.36 -18.55
N HIS C 220 15.21 11.86 -17.47
CA HIS C 220 15.21 13.27 -17.14
C HIS C 220 16.43 13.62 -16.34
N PHE C 221 16.92 14.83 -16.53
CA PHE C 221 17.93 15.39 -15.63
C PHE C 221 17.20 16.25 -14.62
N GLY C 222 17.75 16.27 -13.42
CA GLY C 222 17.06 16.88 -12.32
C GLY C 222 17.99 17.48 -11.31
N ILE C 223 17.43 18.34 -10.50
CA ILE C 223 18.15 18.86 -9.39
C ILE C 223 17.14 19.17 -8.33
N SER C 224 17.47 18.80 -7.10
CA SER C 224 16.57 19.02 -5.98
C SER C 224 17.36 19.33 -4.70
N ALA C 225 16.67 19.88 -3.73
CA ALA C 225 17.29 20.23 -2.46
C ALA C 225 16.23 20.32 -1.38
N ALA C 226 16.69 20.26 -0.14
CA ALA C 226 15.80 20.35 1.00
C ALA C 226 16.52 20.88 2.20
N THR C 227 15.74 21.27 3.18
CA THR C 227 16.24 21.72 4.48
C THR C 227 15.40 21.05 5.53
N GLY C 228 15.94 21.00 6.76
CA GLY C 228 15.22 20.45 7.91
C GLY C 228 14.97 21.50 8.96
N GLY C 229 15.46 21.27 10.16
CA GLY C 229 15.39 22.27 11.22
C GLY C 229 16.48 23.31 11.08
N LEU C 230 17.68 22.83 10.76
CA LEU C 230 18.72 23.62 10.12
C LEU C 230 18.41 23.86 8.64
N ALA C 231 19.03 24.89 8.04
CA ALA C 231 18.72 25.28 6.67
C ALA C 231 19.76 26.16 6.00
N ASP C 232 20.34 25.72 4.89
CA ASP C 232 21.09 26.62 4.01
C ASP C 232 20.24 27.02 2.81
N ASP C 233 20.65 28.10 2.13
CA ASP C 233 20.13 28.42 0.80
C ASP C 233 20.88 27.49 -0.13
N HIS C 234 20.17 26.85 -1.05
CA HIS C 234 20.78 25.98 -2.04
C HIS C 234 20.54 26.57 -3.40
N ASP C 235 21.60 27.10 -3.99
CA ASP C 235 21.49 27.88 -5.22
C ASP C 235 22.19 27.15 -6.32
N VAL C 236 21.54 27.07 -7.47
CA VAL C 236 22.19 26.49 -8.64
C VAL C 236 22.28 27.57 -9.70
N LEU C 237 23.48 27.95 -10.11
CA LEU C 237 23.65 29.04 -11.07
C LEU C 237 23.44 28.59 -12.54
N SER C 238 23.83 27.37 -12.84
CA SER C 238 23.66 26.80 -14.17
C SER C 238 23.73 25.29 -14.12
N PHE C 239 23.03 24.67 -15.05
CA PHE C 239 23.10 23.26 -15.28
C PHE C 239 23.40 23.11 -16.77
N LEU C 240 24.61 22.73 -17.10
CA LEU C 240 24.96 22.60 -18.52
C LEU C 240 25.14 21.14 -18.87
N THR C 241 24.35 20.69 -19.84
CA THR C 241 24.33 19.32 -20.31
C THR C 241 24.98 19.16 -21.70
N PHE C 242 25.91 18.21 -21.76
CA PHE C 242 26.59 17.90 -22.97
C PHE C 242 26.37 16.43 -23.31
N GLN C 243 26.29 16.15 -24.62
CA GLN C 243 26.23 14.77 -25.16
C GLN C 243 27.57 14.37 -25.74
N LEU C 244 28.04 13.17 -25.40
CA LEU C 244 29.36 12.67 -25.80
C LEU C 244 29.37 11.61 -26.97
N THR C 245 30.56 11.44 -27.61
CA THR C 245 30.88 10.66 -28.87
C THR C 245 30.13 11.08 -30.12
N MET D 64 31.82 53.03 -37.96
CA MET D 64 31.38 51.65 -37.54
C MET D 64 30.73 50.91 -38.73
N SER D 65 31.37 49.86 -39.26
CA SER D 65 30.90 49.20 -40.51
C SER D 65 29.74 48.24 -40.28
N PRO D 66 29.13 47.71 -41.35
CA PRO D 66 28.15 46.62 -41.17
C PRO D 66 28.66 45.43 -40.34
N GLN D 67 29.84 44.93 -40.71
CA GLN D 67 30.45 43.78 -40.05
C GLN D 67 30.75 44.08 -38.60
N GLU D 68 31.26 45.26 -38.32
CA GLU D 68 31.48 45.61 -36.94
C GLU D 68 30.19 45.51 -36.13
N LEU D 69 29.03 45.74 -36.76
CA LEU D 69 27.75 45.63 -36.10
C LEU D 69 27.33 44.20 -35.95
N GLN D 70 27.45 43.42 -37.02
CA GLN D 70 27.26 41.97 -36.86
C GLN D 70 28.04 41.48 -35.64
N LEU D 71 29.31 41.89 -35.55
CA LEU D 71 30.17 41.41 -34.48
C LEU D 71 29.74 41.87 -33.13
N HIS D 72 29.37 43.14 -33.04
CA HIS D 72 28.92 43.73 -31.77
C HIS D 72 27.63 43.01 -31.32
N TYR D 73 26.75 42.76 -32.29
CA TYR D 73 25.52 42.00 -32.03
C TYR D 73 25.83 40.61 -31.49
N PHE D 74 26.75 39.92 -32.17
CA PHE D 74 27.17 38.59 -31.80
C PHE D 74 27.62 38.62 -30.35
N LYS D 75 28.59 39.45 -30.03
CA LYS D 75 29.12 39.41 -28.68
C LYS D 75 28.22 40.08 -27.63
N MET D 76 27.18 40.78 -28.07
CA MET D 76 26.15 41.30 -27.14
C MET D 76 25.38 40.16 -26.52
N HIS D 77 25.18 39.08 -27.27
CA HIS D 77 24.55 37.88 -26.73
C HIS D 77 25.46 36.79 -26.17
N ASP D 78 26.78 37.02 -26.16
CA ASP D 78 27.69 36.03 -25.67
C ASP D 78 27.92 36.27 -24.18
N TYR D 79 26.90 35.98 -23.38
CA TYR D 79 26.92 36.41 -21.98
C TYR D 79 28.03 35.76 -21.17
N ASP D 80 28.47 34.55 -21.55
CA ASP D 80 29.54 33.88 -20.82
C ASP D 80 30.94 34.12 -21.42
N GLY D 81 31.01 34.90 -22.49
CA GLY D 81 32.30 35.34 -23.04
C GLY D 81 33.24 34.27 -23.57
N ASN D 82 32.68 33.20 -24.13
CA ASN D 82 33.43 32.08 -24.66
C ASN D 82 33.47 32.17 -26.18
N ASN D 83 33.16 33.36 -26.69
CA ASN D 83 33.06 33.57 -28.14
C ASN D 83 32.18 32.66 -28.98
N LEU D 84 31.16 32.08 -28.38
CA LEU D 84 30.22 31.19 -29.08
C LEU D 84 28.83 31.47 -28.60
N LEU D 85 27.85 31.15 -29.45
CA LEU D 85 26.47 31.35 -29.10
C LEU D 85 25.79 30.01 -29.02
N ASP D 86 25.39 29.64 -27.80
CA ASP D 86 24.65 28.40 -27.64
C ASP D 86 23.17 28.62 -27.76
N GLY D 87 22.40 27.54 -27.72
CA GLY D 87 20.95 27.60 -27.92
C GLY D 87 20.28 28.53 -26.94
N LEU D 88 20.78 28.60 -25.71
CA LEU D 88 20.11 29.41 -24.70
C LEU D 88 20.37 30.89 -24.98
N GLU D 89 21.60 31.22 -25.33
CA GLU D 89 21.96 32.56 -25.78
C GLU D 89 21.10 33.03 -26.96
N LEU D 90 20.90 32.16 -27.92
CA LEU D 90 20.09 32.51 -29.08
C LEU D 90 18.67 32.73 -28.65
N SER D 91 18.20 31.94 -27.71
CA SER D 91 16.81 32.05 -27.32
C SER D 91 16.48 33.47 -26.84
N THR D 92 17.44 34.13 -26.20
CA THR D 92 17.23 35.50 -25.69
C THR D 92 17.14 36.53 -26.84
N ALA D 93 17.81 36.25 -27.95
CA ALA D 93 17.70 37.06 -29.16
C ALA D 93 16.34 36.81 -29.81
N ILE D 94 15.96 35.56 -29.94
CA ILE D 94 14.68 35.19 -30.49
C ILE D 94 13.47 35.71 -29.68
N THR D 95 13.69 36.24 -28.48
CA THR D 95 12.59 36.85 -27.71
C THR D 95 12.92 38.29 -27.26
N HIS D 96 13.33 39.13 -28.21
CA HIS D 96 13.39 40.60 -28.01
C HIS D 96 12.69 41.21 -29.20
N MET D 109 5.52 33.52 -26.76
CA MET D 109 5.47 32.43 -27.72
C MET D 109 5.68 31.10 -26.99
N SER D 110 5.13 30.03 -27.54
CA SER D 110 5.23 28.74 -26.89
C SER D 110 6.66 28.21 -26.98
N GLU D 111 6.98 27.26 -26.10
CA GLU D 111 8.29 26.62 -26.07
C GLU D 111 8.52 25.80 -27.33
N ASP D 112 7.45 25.22 -27.86
CA ASP D 112 7.55 24.44 -29.07
C ASP D 112 7.87 25.35 -30.25
N GLU D 113 7.31 26.56 -30.29
CA GLU D 113 7.71 27.56 -31.30
C GLU D 113 9.18 27.93 -31.16
N LEU D 114 9.58 28.19 -29.92
CA LEU D 114 10.95 28.51 -29.59
C LEU D 114 11.91 27.37 -29.95
N ILE D 115 11.57 26.15 -29.55
CA ILE D 115 12.39 25.01 -29.91
C ILE D 115 12.60 24.89 -31.43
N ASN D 116 11.52 25.08 -32.22
CA ASN D 116 11.63 24.93 -33.68
C ASN D 116 12.63 25.90 -34.20
N ILE D 117 12.48 27.16 -33.83
CA ILE D 117 13.36 28.17 -34.34
C ILE D 117 14.82 27.81 -34.02
N ILE D 118 15.09 27.43 -32.77
CA ILE D 118 16.46 27.18 -32.31
C ILE D 118 17.00 25.95 -33.02
N ASP D 119 16.25 24.85 -32.94
CA ASP D 119 16.62 23.63 -33.67
C ASP D 119 16.92 23.96 -35.13
N GLY D 120 16.04 24.78 -35.71
CA GLY D 120 16.23 25.37 -37.03
C GLY D 120 17.57 26.06 -37.20
N VAL D 121 17.87 27.04 -36.36
CA VAL D 121 19.16 27.73 -36.49
C VAL D 121 20.34 26.76 -36.44
N LEU D 122 20.33 25.83 -35.49
CA LEU D 122 21.44 24.87 -35.31
C LEU D 122 21.60 23.89 -36.45
N ARG D 123 20.48 23.52 -37.05
CA ARG D 123 20.48 22.63 -38.21
C ARG D 123 21.09 23.32 -39.40
N ASP D 124 20.65 24.55 -39.64
CA ASP D 124 21.10 25.31 -40.78
C ASP D 124 22.50 25.84 -40.58
N ASP D 125 22.82 26.33 -39.39
CA ASP D 125 24.05 27.12 -39.25
C ASP D 125 25.21 26.54 -38.42
N ASP D 126 24.95 25.48 -37.63
CA ASP D 126 26.00 24.83 -36.81
C ASP D 126 26.67 23.69 -37.58
N LYS D 127 27.74 24.04 -38.29
CA LYS D 127 28.40 23.10 -39.20
C LYS D 127 28.99 21.91 -38.49
N ASN D 128 29.94 22.14 -37.57
CA ASN D 128 30.58 21.06 -36.82
C ASN D 128 29.70 20.30 -35.80
N ASN D 129 28.40 20.62 -35.77
CA ASN D 129 27.45 20.00 -34.86
C ASN D 129 27.92 19.88 -33.38
N ASP D 130 28.30 21.02 -32.79
CA ASP D 130 28.76 21.06 -31.40
C ASP D 130 27.82 21.82 -30.44
N GLY D 131 26.67 22.24 -30.94
CA GLY D 131 25.70 22.95 -30.13
C GLY D 131 25.93 24.46 -30.05
N TYR D 132 26.99 24.93 -30.67
CA TYR D 132 27.37 26.33 -30.65
C TYR D 132 27.40 26.86 -32.05
N ILE D 133 27.22 28.17 -32.21
CA ILE D 133 27.62 28.81 -33.45
C ILE D 133 28.65 29.90 -33.17
N ASP D 134 29.79 29.85 -33.87
CA ASP D 134 30.88 30.84 -33.74
C ASP D 134 30.71 31.97 -34.75
N TYR D 135 31.51 33.03 -34.60
CA TYR D 135 31.29 34.27 -35.36
C TYR D 135 31.32 33.99 -36.87
N ALA D 136 32.18 33.07 -37.29
CA ALA D 136 32.22 32.66 -38.68
C ALA D 136 30.88 32.08 -39.10
N GLU D 137 30.42 31.06 -38.37
CA GLU D 137 29.11 30.43 -38.65
C GLU D 137 27.95 31.43 -38.59
N PHE D 138 28.06 32.40 -37.67
CA PHE D 138 27.04 33.41 -37.51
C PHE D 138 26.92 34.28 -38.76
N ALA D 139 28.05 34.88 -39.15
CA ALA D 139 28.21 35.71 -40.37
C ALA D 139 27.64 35.03 -41.63
N LYS D 140 28.08 33.80 -41.87
CA LYS D 140 27.57 32.97 -42.95
C LYS D 140 26.05 33.02 -43.19
N SER D 141 25.24 33.14 -42.14
CA SER D 141 23.78 33.28 -42.36
C SER D 141 23.35 34.50 -43.21
N PRO E 19 -4.06 10.40 -9.56
CA PRO E 19 -3.01 9.38 -9.70
C PRO E 19 -2.77 8.99 -11.17
N HIS E 20 -1.51 8.85 -11.56
CA HIS E 20 -1.18 8.64 -12.96
C HIS E 20 -1.20 7.13 -13.18
N ARG E 21 -1.91 6.71 -14.24
CA ARG E 21 -1.98 5.29 -14.59
C ARG E 21 -1.10 4.94 -15.75
N ARG E 22 -0.39 3.83 -15.61
CA ARG E 22 0.32 3.21 -16.73
C ARG E 22 -0.33 1.89 -17.13
N PHE E 23 -0.55 1.69 -18.42
CA PHE E 23 -1.11 0.44 -18.89
C PHE E 23 -0.03 -0.62 -18.91
N GLU E 24 -0.36 -1.80 -18.40
CA GLU E 24 0.58 -2.89 -18.31
C GLU E 24 0.13 -4.04 -19.21
N TYR E 25 0.67 -4.06 -20.45
CA TYR E 25 0.25 -5.04 -21.42
C TYR E 25 0.50 -6.48 -20.92
N LYS E 26 1.59 -6.69 -20.19
CA LYS E 26 1.96 -8.04 -19.83
C LYS E 26 0.99 -8.65 -18.80
N TYR E 27 0.09 -7.86 -18.23
CA TYR E 27 -0.93 -8.40 -17.30
C TYR E 27 -2.33 -8.15 -17.85
N SER E 28 -2.44 -8.20 -19.17
CA SER E 28 -3.67 -7.81 -19.86
C SER E 28 -4.02 -8.71 -21.08
N PHE E 29 -5.28 -8.73 -21.48
CA PHE E 29 -5.67 -9.40 -22.72
C PHE E 29 -6.94 -8.74 -23.24
N LYS E 30 -7.15 -8.85 -24.55
CA LYS E 30 -8.35 -8.33 -25.23
C LYS E 30 -8.46 -8.72 -26.70
N GLY E 31 -9.60 -8.42 -27.28
CA GLY E 31 -9.79 -8.66 -28.72
C GLY E 31 -9.13 -7.56 -29.53
N PRO E 32 -9.33 -7.56 -30.85
CA PRO E 32 -9.84 -8.64 -31.66
C PRO E 32 -8.86 -9.79 -31.94
N HIS E 33 -7.60 -9.70 -31.55
CA HIS E 33 -6.70 -10.83 -31.80
C HIS E 33 -6.19 -11.38 -30.47
N LEU E 34 -7.12 -11.95 -29.71
CA LEU E 34 -6.87 -12.41 -28.33
C LEU E 34 -6.05 -13.71 -28.32
N VAL E 35 -6.63 -14.81 -28.77
CA VAL E 35 -5.90 -16.05 -28.92
C VAL E 35 -4.93 -16.01 -30.12
N GLN E 36 -3.69 -16.46 -29.91
CA GLN E 36 -2.76 -16.74 -31.00
C GLN E 36 -3.04 -18.14 -31.59
N SER E 37 -2.36 -18.48 -32.68
CA SER E 37 -2.67 -19.70 -33.45
C SER E 37 -2.46 -21.05 -32.72
N ASP E 38 -1.65 -21.09 -31.67
CA ASP E 38 -1.53 -22.30 -30.86
C ASP E 38 -2.61 -22.36 -29.80
N GLY E 39 -3.59 -21.45 -29.89
CA GLY E 39 -4.76 -21.49 -29.02
C GLY E 39 -4.52 -20.94 -27.60
N THR E 40 -3.51 -20.09 -27.47
CA THR E 40 -3.12 -19.59 -26.18
C THR E 40 -3.26 -18.09 -26.13
N VAL E 41 -3.43 -17.59 -24.91
CA VAL E 41 -3.57 -16.14 -24.64
C VAL E 41 -2.18 -15.61 -24.25
N PRO E 42 -1.65 -14.63 -24.99
CA PRO E 42 -0.29 -14.25 -24.60
C PRO E 42 -0.23 -13.78 -23.16
N PHE E 43 0.80 -14.23 -22.44
CA PHE E 43 1.07 -13.87 -21.05
C PHE E 43 0.15 -14.50 -20.01
N TRP E 44 -0.86 -15.26 -20.41
CA TRP E 44 -1.80 -15.86 -19.46
C TRP E 44 -1.96 -17.34 -19.66
N ALA E 45 -2.17 -18.08 -18.57
CA ALA E 45 -2.46 -19.49 -18.59
C ALA E 45 -3.95 -19.74 -18.38
N HIS E 46 -4.58 -20.53 -19.22
CA HIS E 46 -5.98 -20.87 -19.02
C HIS E 46 -6.14 -22.33 -18.76
N ALA E 47 -7.20 -22.67 -18.08
CA ALA E 47 -7.39 -24.03 -17.64
C ALA E 47 -8.84 -24.37 -17.42
N GLY E 48 -9.09 -25.65 -17.21
CA GLY E 48 -10.43 -26.14 -16.98
C GLY E 48 -11.21 -26.04 -18.25
N ASN E 49 -12.48 -25.69 -18.13
CA ASN E 49 -13.38 -25.51 -19.25
C ASN E 49 -13.25 -24.20 -20.01
N ALA E 50 -12.23 -23.40 -19.74
CA ALA E 50 -12.14 -22.10 -20.43
C ALA E 50 -11.86 -22.26 -21.92
N ILE E 51 -12.61 -21.56 -22.73
CA ILE E 51 -12.40 -21.53 -24.16
C ILE E 51 -11.95 -20.13 -24.61
N PRO E 52 -10.70 -19.98 -25.00
CA PRO E 52 -10.27 -18.70 -25.57
C PRO E 52 -10.62 -18.55 -27.04
N SER E 53 -11.60 -17.72 -27.42
CA SER E 53 -11.69 -17.36 -28.83
C SER E 53 -10.86 -16.06 -29.04
N SER E 54 -11.12 -15.30 -30.08
CA SER E 54 -10.26 -14.16 -30.40
C SER E 54 -10.89 -12.84 -30.00
N ASP E 55 -12.21 -12.79 -29.93
CA ASP E 55 -12.85 -11.59 -29.46
C ASP E 55 -13.18 -11.69 -27.95
N GLN E 56 -12.94 -12.84 -27.32
CA GLN E 56 -13.17 -13.03 -25.86
C GLN E 56 -12.60 -14.35 -25.31
N ILE E 57 -12.67 -14.55 -24.00
CA ILE E 57 -12.48 -15.89 -23.41
C ILE E 57 -13.76 -16.29 -22.70
N ARG E 58 -14.33 -17.42 -23.11
CA ARG E 58 -15.50 -17.98 -22.45
C ARG E 58 -14.98 -18.87 -21.37
N VAL E 59 -14.89 -18.27 -20.20
CA VAL E 59 -14.24 -18.86 -19.05
C VAL E 59 -15.02 -20.08 -18.60
N ALA E 60 -16.35 -19.99 -18.67
CA ALA E 60 -17.21 -21.14 -18.42
C ALA E 60 -18.49 -21.02 -19.22
N PRO E 61 -18.71 -21.95 -20.14
CA PRO E 61 -19.85 -21.91 -21.03
C PRO E 61 -21.04 -22.52 -20.37
N SER E 62 -22.21 -22.30 -20.97
CA SER E 62 -23.47 -22.75 -20.38
C SER E 62 -23.72 -24.24 -20.50
N LEU E 63 -22.85 -25.07 -19.94
CA LEU E 63 -23.10 -26.49 -19.77
C LEU E 63 -23.03 -26.75 -18.30
N LYS E 64 -23.56 -27.90 -17.87
CA LYS E 64 -23.62 -28.29 -16.47
C LYS E 64 -22.24 -28.51 -15.93
N SER E 65 -22.00 -28.01 -14.72
CA SER E 65 -20.83 -28.37 -13.91
C SER E 65 -19.55 -28.08 -14.59
N GLN E 66 -19.45 -26.88 -15.16
CA GLN E 66 -18.21 -26.35 -15.69
C GLN E 66 -17.41 -25.58 -14.63
N ARG E 67 -16.11 -25.52 -14.85
CA ARG E 67 -15.20 -24.71 -14.05
C ARG E 67 -14.08 -24.39 -14.97
N GLY E 68 -13.69 -23.12 -15.04
CA GLY E 68 -12.54 -22.72 -15.85
C GLY E 68 -11.88 -21.47 -15.32
N SER E 69 -10.68 -21.16 -15.81
CA SER E 69 -9.95 -20.01 -15.30
C SER E 69 -8.86 -19.54 -16.21
N VAL E 70 -8.38 -18.34 -15.89
CA VAL E 70 -7.33 -17.68 -16.64
C VAL E 70 -6.53 -16.83 -15.67
N TRP E 71 -5.24 -17.10 -15.58
CA TRP E 71 -4.36 -16.44 -14.65
C TRP E 71 -3.17 -15.96 -15.39
N THR E 72 -2.56 -14.89 -14.87
CA THR E 72 -1.36 -14.37 -15.49
C THR E 72 -0.25 -15.39 -15.25
N LYS E 73 0.66 -15.49 -16.19
CA LYS E 73 1.84 -16.33 -15.99
C LYS E 73 2.82 -15.84 -14.92
N THR E 74 3.04 -14.54 -14.83
CA THR E 74 3.93 -14.02 -13.82
C THR E 74 3.15 -13.21 -12.78
N LYS E 75 3.78 -13.04 -11.62
CA LYS E 75 3.31 -12.10 -10.62
C LYS E 75 3.60 -10.66 -11.02
N ALA E 76 2.69 -9.79 -10.61
CA ALA E 76 2.83 -8.36 -10.81
C ALA E 76 3.24 -7.82 -9.46
N ALA E 77 4.15 -6.86 -9.47
CA ALA E 77 4.60 -6.24 -8.24
C ALA E 77 4.23 -4.75 -8.23
N PHE E 78 2.94 -4.44 -8.23
CA PHE E 78 2.51 -3.04 -8.13
C PHE E 78 1.95 -2.68 -6.75
N GLU E 79 2.47 -1.61 -6.18
CA GLU E 79 1.96 -1.11 -4.91
C GLU E 79 0.51 -0.71 -5.06
N ASN E 80 0.20 0.05 -6.11
CA ASN E 80 -1.19 0.38 -6.43
C ASN E 80 -1.57 0.08 -7.86
N TRP E 81 -2.83 -0.28 -8.09
CA TRP E 81 -3.29 -0.68 -9.42
C TRP E 81 -4.79 -0.59 -9.69
N GLU E 82 -5.14 -0.76 -10.95
CA GLU E 82 -6.52 -0.78 -11.40
C GLU E 82 -6.70 -1.85 -12.48
N VAL E 83 -7.81 -2.56 -12.44
CA VAL E 83 -8.15 -3.44 -13.55
C VAL E 83 -9.50 -3.03 -14.11
N GLU E 84 -9.59 -3.07 -15.43
CA GLU E 84 -10.84 -2.79 -16.10
C GLU E 84 -11.19 -4.09 -16.76
N VAL E 85 -12.20 -4.75 -16.22
CA VAL E 85 -12.62 -6.03 -16.74
C VAL E 85 -14.00 -5.93 -17.36
N THR E 86 -14.08 -6.35 -18.62
CA THR E 86 -15.29 -6.26 -19.41
C THR E 86 -15.80 -7.65 -19.70
N PHE E 87 -17.09 -7.89 -19.47
CA PHE E 87 -17.61 -9.24 -19.55
C PHE E 87 -19.10 -9.31 -19.78
N ARG E 88 -19.57 -10.53 -20.09
CA ARG E 88 -21.01 -10.83 -20.15
C ARG E 88 -21.26 -12.07 -19.36
N VAL E 89 -22.45 -12.14 -18.80
CA VAL E 89 -22.93 -13.37 -18.18
C VAL E 89 -24.33 -13.52 -18.70
N THR E 90 -24.57 -14.64 -19.35
CA THR E 90 -25.64 -14.74 -20.30
C THR E 90 -26.27 -16.09 -20.15
N GLY E 91 -27.59 -16.08 -20.04
CA GLY E 91 -28.31 -17.32 -19.95
C GLY E 91 -29.75 -17.22 -20.38
N ARG E 92 -30.26 -18.38 -20.78
CA ARG E 92 -31.60 -18.53 -21.27
C ARG E 92 -32.70 -18.15 -20.22
N GLY E 93 -32.41 -18.15 -18.90
CA GLY E 93 -33.39 -17.81 -17.85
C GLY E 93 -33.28 -16.50 -17.10
N ARG E 94 -34.26 -16.19 -16.26
CA ARG E 94 -34.15 -15.04 -15.33
C ARG E 94 -33.24 -15.37 -14.14
N ILE E 95 -32.84 -16.63 -14.03
CA ILE E 95 -31.98 -17.11 -12.97
C ILE E 95 -30.83 -17.88 -13.62
N GLY E 96 -29.60 -17.65 -13.19
CA GLY E 96 -28.45 -18.42 -13.71
C GLY E 96 -27.45 -18.78 -12.63
N ALA E 97 -26.36 -19.45 -13.00
CA ALA E 97 -25.34 -19.78 -12.03
C ALA E 97 -24.03 -20.17 -12.71
N ASP E 98 -22.90 -20.20 -11.98
CA ASP E 98 -22.75 -19.74 -10.59
C ASP E 98 -22.32 -18.29 -10.55
N GLY E 99 -21.39 -17.94 -11.42
CA GLY E 99 -20.86 -16.60 -11.47
C GLY E 99 -19.44 -16.58 -11.96
N LEU E 100 -18.77 -15.47 -11.64
CA LEU E 100 -17.50 -15.10 -12.19
C LEU E 100 -16.71 -14.41 -11.11
N ALA E 101 -15.42 -14.72 -11.03
CA ALA E 101 -14.56 -14.10 -10.01
C ALA E 101 -13.37 -13.42 -10.64
N ILE E 102 -13.02 -12.25 -10.10
CA ILE E 102 -11.79 -11.58 -10.46
C ILE E 102 -10.86 -11.65 -9.27
N TRP E 103 -9.62 -12.03 -9.53
CA TRP E 103 -8.66 -12.35 -8.47
C TRP E 103 -7.38 -11.51 -8.51
N TYR E 104 -6.89 -11.17 -7.33
CA TYR E 104 -5.49 -10.84 -7.14
C TYR E 104 -5.09 -11.70 -5.99
N ALA E 105 -4.10 -12.56 -6.21
CA ALA E 105 -3.72 -13.52 -5.22
C ALA E 105 -2.27 -13.95 -5.37
N GLU E 106 -1.65 -14.29 -4.22
CA GLU E 106 -0.22 -14.66 -4.13
C GLU E 106 0.16 -15.79 -5.07
N ASN E 107 -0.72 -16.79 -5.22
CA ASN E 107 -0.51 -17.88 -6.18
C ASN E 107 -1.67 -18.01 -7.13
N GLN E 108 -1.36 -18.49 -8.32
CA GLN E 108 -2.36 -18.92 -9.29
C GLN E 108 -3.24 -19.93 -8.60
N GLY E 109 -4.54 -19.82 -8.77
CA GLY E 109 -5.46 -20.64 -7.98
C GLY E 109 -5.89 -21.97 -8.57
N LEU E 110 -5.55 -23.11 -7.95
CA LEU E 110 -6.01 -24.42 -8.46
C LEU E 110 -7.51 -24.53 -8.57
N GLU E 111 -8.00 -25.57 -9.24
CA GLU E 111 -9.48 -25.77 -9.36
C GLU E 111 -10.10 -25.83 -8.02
N GLY E 112 -11.40 -25.62 -7.98
CA GLY E 112 -12.12 -25.78 -6.75
C GLY E 112 -13.52 -25.26 -6.83
N PRO E 113 -14.24 -25.32 -5.72
CA PRO E 113 -15.64 -24.91 -5.61
C PRO E 113 -15.92 -23.40 -5.48
N VAL E 114 -14.92 -22.54 -5.58
CA VAL E 114 -15.20 -21.12 -5.43
C VAL E 114 -15.05 -20.47 -6.80
N PHE E 115 -16.20 -20.32 -7.45
CA PHE E 115 -16.28 -19.80 -8.77
C PHE E 115 -15.22 -20.37 -9.65
N GLY E 116 -15.02 -21.68 -9.50
CA GLY E 116 -14.07 -22.43 -10.31
C GLY E 116 -12.70 -22.63 -9.69
N SER E 117 -12.39 -21.78 -8.72
CA SER E 117 -11.08 -21.77 -8.09
C SER E 117 -11.13 -22.35 -6.67
N ALA E 118 -9.94 -22.48 -6.10
CA ALA E 118 -9.76 -23.15 -4.82
C ALA E 118 -10.36 -22.36 -3.67
N ASP E 119 -10.68 -23.11 -2.65
CA ASP E 119 -11.29 -22.70 -1.38
C ASP E 119 -10.58 -21.58 -0.61
N LEU E 120 -9.26 -21.55 -0.79
CA LEU E 120 -8.33 -20.89 0.09
C LEU E 120 -7.30 -20.14 -0.77
N TRP E 121 -7.09 -18.87 -0.49
CA TRP E 121 -6.15 -18.07 -1.25
C TRP E 121 -5.63 -16.98 -0.39
N ASN E 122 -4.60 -16.31 -0.88
CA ASN E 122 -4.05 -15.22 -0.14
C ASN E 122 -4.09 -13.97 -1.00
N GLY E 123 -5.14 -13.20 -0.76
CA GLY E 123 -5.37 -11.97 -1.48
C GLY E 123 -6.85 -11.65 -1.44
N VAL E 124 -7.37 -11.28 -2.58
CA VAL E 124 -8.72 -10.82 -2.66
C VAL E 124 -9.39 -11.36 -3.92
N GLY E 125 -10.66 -11.67 -3.80
CA GLY E 125 -11.45 -12.11 -4.92
C GLY E 125 -12.63 -11.18 -4.98
N ILE E 126 -12.99 -10.71 -6.17
CA ILE E 126 -14.23 -9.97 -6.32
C ILE E 126 -15.21 -10.85 -7.07
N PHE E 127 -16.28 -11.25 -6.40
CA PHE E 127 -17.17 -12.27 -6.90
C PHE E 127 -18.47 -11.72 -7.38
N PHE E 128 -18.78 -12.04 -8.61
CA PHE E 128 -20.05 -11.71 -9.22
C PHE E 128 -20.92 -12.93 -9.10
N ASP E 129 -21.80 -12.91 -8.11
CA ASP E 129 -22.52 -14.10 -7.70
C ASP E 129 -23.93 -14.07 -8.25
N SER E 130 -24.18 -14.88 -9.28
CA SER E 130 -25.45 -14.88 -9.99
C SER E 130 -26.60 -15.36 -9.11
N PHE E 131 -26.35 -16.38 -8.28
CA PHE E 131 -27.41 -17.28 -7.76
C PHE E 131 -27.81 -17.15 -6.25
N ASP E 132 -29.06 -17.50 -5.89
CA ASP E 132 -29.48 -17.76 -4.46
C ASP E 132 -29.20 -19.19 -3.92
N GLY E 135 -31.36 -19.03 -0.40
CA GLY E 135 -31.06 -17.60 -0.37
C GLY E 135 -32.27 -16.67 -0.14
N LYS E 136 -32.00 -15.37 0.01
CA LYS E 136 -33.04 -14.37 0.33
C LYS E 136 -33.38 -13.35 -0.79
N LYS E 137 -33.28 -13.72 -2.07
CA LYS E 137 -33.54 -12.76 -3.21
C LYS E 137 -32.73 -11.45 -3.12
N ASN E 138 -31.44 -11.60 -2.82
CA ASN E 138 -30.47 -10.49 -2.79
C ASN E 138 -29.30 -10.79 -3.75
N ASN E 139 -29.64 -11.48 -4.84
CA ASN E 139 -28.71 -11.86 -5.88
C ASN E 139 -29.39 -11.56 -7.21
N PRO E 140 -28.62 -11.25 -8.27
CA PRO E 140 -27.16 -11.28 -8.31
C PRO E 140 -26.50 -10.17 -7.50
N ALA E 141 -25.26 -10.40 -7.10
CA ALA E 141 -24.57 -9.53 -6.19
C ALA E 141 -23.06 -9.60 -6.41
N ILE E 142 -22.40 -8.53 -5.98
CA ILE E 142 -20.97 -8.33 -6.17
C ILE E 142 -20.36 -8.24 -4.79
N VAL E 143 -19.38 -9.09 -4.52
CA VAL E 143 -18.99 -9.34 -3.17
C VAL E 143 -17.48 -9.36 -3.06
N ILE E 144 -16.92 -8.58 -2.14
CA ILE E 144 -15.49 -8.57 -1.99
C ILE E 144 -15.10 -9.53 -0.88
N ILE E 145 -14.13 -10.41 -1.14
CA ILE E 145 -13.76 -11.41 -0.15
C ILE E 145 -12.25 -11.51 -0.05
N GLY E 146 -11.73 -11.15 1.11
CA GLY E 146 -10.31 -11.25 1.38
C GLY E 146 -9.97 -12.57 1.99
N ASN E 147 -8.70 -12.89 1.93
CA ASN E 147 -8.24 -14.10 2.51
C ASN E 147 -6.74 -13.99 2.62
N ASN E 148 -6.24 -14.47 3.73
CA ASN E 148 -4.84 -14.36 4.10
C ASN E 148 -4.18 -15.73 4.05
N GLY E 149 -4.84 -16.70 3.43
CA GLY E 149 -4.25 -18.02 3.30
C GLY E 149 -4.60 -18.90 4.47
N GLN E 150 -5.55 -18.49 5.29
CA GLN E 150 -5.99 -19.29 6.44
C GLN E 150 -7.46 -19.61 6.45
N ILE E 151 -8.26 -18.97 5.60
CA ILE E 151 -9.71 -19.23 5.56
C ILE E 151 -10.05 -20.23 4.46
N HIS E 152 -10.88 -21.20 4.79
CA HIS E 152 -11.58 -21.99 3.81
C HIS E 152 -12.91 -21.29 3.60
N TYR E 153 -13.04 -20.57 2.50
CA TYR E 153 -14.23 -19.79 2.19
C TYR E 153 -15.32 -20.74 1.70
N ASP E 154 -16.32 -20.97 2.54
CA ASP E 154 -17.44 -21.86 2.19
C ASP E 154 -18.58 -21.09 1.48
N HIS E 155 -18.59 -21.15 0.14
CA HIS E 155 -19.67 -20.56 -0.64
C HIS E 155 -21.01 -21.25 -0.27
N GLN E 156 -21.05 -22.57 -0.41
CA GLN E 156 -22.30 -23.38 -0.30
C GLN E 156 -23.59 -22.55 -0.36
N GLY E 159 -22.42 -18.47 2.86
CA GLY E 159 -21.95 -17.76 1.66
C GLY E 159 -21.53 -16.29 1.86
N ALA E 160 -22.35 -15.37 1.34
CA ALA E 160 -21.95 -13.95 1.08
C ALA E 160 -21.91 -12.99 2.29
N SER E 161 -21.83 -13.54 3.51
CA SER E 161 -21.89 -12.79 4.77
C SER E 161 -20.55 -12.57 5.52
N GLN E 162 -19.48 -13.23 5.10
CA GLN E 162 -18.09 -12.87 5.52
C GLN E 162 -17.36 -11.94 4.54
N ALA E 163 -18.18 -11.29 3.76
CA ALA E 163 -17.80 -10.31 2.75
C ALA E 163 -17.28 -9.06 3.42
N LEU E 164 -16.16 -8.52 2.97
CA LEU E 164 -15.72 -7.21 3.43
C LEU E 164 -16.65 -6.10 2.93
N ALA E 165 -17.19 -6.25 1.74
CA ALA E 165 -18.15 -5.28 1.23
C ALA E 165 -18.88 -5.91 0.07
N SER E 166 -19.98 -5.27 -0.31
CA SER E 166 -20.83 -5.85 -1.34
C SER E 166 -21.86 -4.87 -1.88
N CYS E 167 -22.51 -5.27 -2.96
CA CYS E 167 -23.60 -4.52 -3.53
C CYS E 167 -24.47 -5.45 -4.37
N GLN E 168 -25.72 -5.09 -4.59
CA GLN E 168 -26.62 -5.88 -5.44
C GLN E 168 -26.69 -5.22 -6.80
N ARG E 169 -26.47 -6.01 -7.85
CA ARG E 169 -26.32 -5.47 -9.18
C ARG E 169 -26.54 -6.63 -10.14
N ASP E 170 -27.55 -6.51 -10.99
CA ASP E 170 -27.91 -7.59 -11.93
C ASP E 170 -27.02 -7.44 -13.14
N PHE E 171 -25.99 -8.24 -13.23
CA PHE E 171 -25.01 -8.15 -14.31
C PHE E 171 -25.34 -9.11 -15.45
N ARG E 172 -26.44 -9.84 -15.34
CA ARG E 172 -26.80 -10.85 -16.35
C ARG E 172 -27.65 -10.30 -17.45
N ASN E 173 -27.47 -10.88 -18.62
CA ASN E 173 -28.31 -10.68 -19.78
C ASN E 173 -28.52 -9.25 -20.13
N LYS E 174 -27.43 -8.51 -20.23
CA LYS E 174 -27.53 -7.08 -20.50
C LYS E 174 -27.31 -6.76 -21.97
N PRO E 175 -27.86 -5.64 -22.40
CA PRO E 175 -27.75 -5.34 -23.81
C PRO E 175 -26.31 -5.14 -24.24
N TYR E 176 -25.50 -4.51 -23.39
CA TYR E 176 -24.08 -4.23 -23.69
C TYR E 176 -23.20 -4.80 -22.59
N PRO E 177 -21.92 -4.99 -22.89
CA PRO E 177 -21.13 -5.67 -21.90
C PRO E 177 -21.05 -4.88 -20.61
N VAL E 178 -20.95 -5.63 -19.53
CA VAL E 178 -20.73 -5.10 -18.20
C VAL E 178 -19.25 -4.86 -18.02
N ARG E 179 -18.91 -3.82 -17.27
CA ARG E 179 -17.49 -3.51 -16.99
C ARG E 179 -17.29 -3.26 -15.50
N ALA E 180 -16.31 -3.94 -14.92
CA ALA E 180 -15.92 -3.72 -13.55
C ALA E 180 -14.59 -3.02 -13.52
N LYS E 181 -14.53 -1.89 -12.81
CA LYS E 181 -13.28 -1.22 -12.59
C LYS E 181 -12.92 -1.44 -11.13
N ILE E 182 -11.79 -2.08 -10.91
CA ILE E 182 -11.35 -2.47 -9.60
C ILE E 182 -10.04 -1.76 -9.29
N THR E 183 -10.06 -0.92 -8.26
CA THR E 183 -8.91 -0.08 -7.96
C THR E 183 -8.37 -0.36 -6.57
N TYR E 184 -7.08 -0.61 -6.47
CA TYR E 184 -6.38 -0.70 -5.18
C TYR E 184 -5.40 0.46 -5.10
N TYR E 185 -5.75 1.48 -4.31
CA TYR E 185 -4.97 2.72 -4.20
C TYR E 185 -4.85 3.14 -2.74
N GLN E 186 -3.61 3.28 -2.26
CA GLN E 186 -3.39 3.74 -0.88
C GLN E 186 -4.14 2.86 0.13
N ASN E 187 -3.98 1.54 -0.03
CA ASN E 187 -4.65 0.52 0.79
C ASN E 187 -6.18 0.50 0.83
N THR E 188 -6.83 1.14 -0.15
CA THR E 188 -8.27 0.96 -0.26
C THR E 188 -8.68 0.40 -1.61
N LEU E 189 -9.62 -0.55 -1.58
CA LEU E 189 -10.07 -1.30 -2.74
C LEU E 189 -11.48 -0.85 -3.08
N THR E 190 -11.62 -0.29 -4.28
CA THR E 190 -12.89 0.21 -4.75
C THR E 190 -13.32 -0.60 -5.97
N VAL E 191 -14.60 -0.94 -6.00
CA VAL E 191 -15.27 -1.52 -7.16
C VAL E 191 -16.29 -0.53 -7.74
N MET E 192 -16.14 -0.24 -9.02
CA MET E 192 -17.11 0.54 -9.75
C MET E 192 -17.63 -0.34 -10.88
N ILE E 193 -18.92 -0.26 -11.17
CA ILE E 193 -19.51 -1.09 -12.20
C ILE E 193 -20.22 -0.25 -13.21
N ASN E 194 -19.99 -0.52 -14.49
CA ASN E 194 -20.83 -0.09 -15.56
C ASN E 194 -21.78 -1.21 -15.84
N ASN E 195 -23.07 -0.99 -15.62
CA ASN E 195 -24.05 -2.06 -15.65
C ASN E 195 -24.51 -2.54 -17.07
N GLY E 196 -23.92 -2.00 -18.12
CA GLY E 196 -24.16 -2.49 -19.48
C GLY E 196 -25.51 -2.14 -20.07
N PHE E 197 -26.17 -1.12 -19.53
CA PHE E 197 -27.46 -0.67 -20.09
C PHE E 197 -27.26 0.16 -21.33
N THR E 198 -26.09 0.78 -21.46
CA THR E 198 -25.79 1.65 -22.58
C THR E 198 -24.42 1.31 -23.18
N PRO E 199 -24.18 1.79 -24.42
CA PRO E 199 -22.86 1.61 -25.08
C PRO E 199 -21.78 2.47 -24.50
N ASP E 200 -22.14 3.47 -23.71
CA ASP E 200 -21.15 4.33 -23.07
C ASP E 200 -20.31 3.45 -22.16
N LYS E 201 -19.01 3.36 -22.44
CA LYS E 201 -18.18 2.50 -21.67
C LYS E 201 -17.66 3.18 -20.38
N ASN E 202 -17.87 4.50 -20.23
CA ASN E 202 -17.45 5.18 -19.00
C ASN E 202 -18.56 5.40 -18.00
N ASP E 203 -19.74 4.88 -18.26
CA ASP E 203 -20.89 5.09 -17.37
C ASP E 203 -20.82 4.19 -16.10
N TYR E 204 -19.79 4.41 -15.26
CA TYR E 204 -19.62 3.63 -14.02
C TYR E 204 -20.37 4.20 -12.84
N GLU E 205 -20.82 3.32 -11.96
CA GLU E 205 -21.43 3.65 -10.70
C GLU E 205 -20.70 2.95 -9.57
N PHE E 206 -20.68 3.59 -8.42
CA PHE E 206 -20.06 3.02 -7.24
C PHE E 206 -20.81 1.77 -6.83
N CYS E 207 -20.05 0.75 -6.44
CA CYS E 207 -20.62 -0.48 -5.92
C CYS E 207 -20.09 -0.70 -4.48
N ALA E 208 -18.78 -0.78 -4.29
CA ALA E 208 -18.27 -1.12 -2.96
C ALA E 208 -16.83 -0.70 -2.77
N LYS E 209 -16.41 -0.67 -1.51
CA LYS E 209 -15.11 -0.11 -1.16
C LYS E 209 -14.65 -0.74 0.13
N VAL E 210 -13.37 -1.03 0.25
CA VAL E 210 -12.81 -1.54 1.51
C VAL E 210 -11.58 -0.74 1.85
N GLU E 211 -11.64 -0.07 2.99
CA GLU E 211 -10.56 0.82 3.45
C GLU E 211 -9.53 -0.01 4.20
N ASN E 212 -8.31 0.51 4.26
CA ASN E 212 -7.29 -0.07 5.14
C ASN E 212 -7.11 -1.54 4.94
N MET E 213 -7.00 -1.93 3.70
CA MET E 213 -6.95 -3.33 3.35
C MET E 213 -5.51 -3.67 2.96
N ILE E 214 -4.97 -4.74 3.51
CA ILE E 214 -3.62 -5.20 3.12
C ILE E 214 -3.68 -6.52 2.35
N ILE E 215 -3.05 -6.52 1.20
CA ILE E 215 -3.01 -7.67 0.34
C ILE E 215 -1.56 -7.84 -0.03
N PRO E 216 -1.18 -9.01 -0.58
CA PRO E 216 0.22 -9.26 -0.91
C PRO E 216 0.83 -8.24 -1.86
N ALA E 217 2.13 -8.01 -1.72
CA ALA E 217 2.81 -6.99 -2.50
C ALA E 217 3.07 -7.50 -3.91
N GLN E 218 3.00 -8.82 -4.09
CA GLN E 218 3.11 -9.43 -5.39
C GLN E 218 2.05 -10.46 -5.53
N GLY E 219 1.51 -10.57 -6.73
CA GLY E 219 0.45 -11.53 -6.98
C GLY E 219 0.12 -11.73 -8.44
N HIS E 220 -0.58 -12.83 -8.70
CA HIS E 220 -1.16 -13.08 -9.98
C HIS E 220 -2.52 -12.40 -10.05
N PHE E 221 -2.88 -11.93 -11.24
CA PHE E 221 -4.24 -11.55 -11.55
C PHE E 221 -4.90 -12.73 -12.20
N GLY E 222 -6.20 -12.86 -11.93
CA GLY E 222 -6.91 -14.05 -12.32
C GLY E 222 -8.35 -13.77 -12.60
N ILE E 223 -8.95 -14.71 -13.29
CA ILE E 223 -10.35 -14.66 -13.54
C ILE E 223 -10.81 -16.10 -13.67
N SER E 224 -11.91 -16.42 -13.02
CA SER E 224 -12.46 -17.79 -13.04
C SER E 224 -13.98 -17.74 -13.02
N ALA E 225 -14.58 -18.84 -13.41
CA ALA E 225 -16.05 -18.95 -13.44
C ALA E 225 -16.45 -20.42 -13.38
N ALA E 226 -17.71 -20.64 -13.02
CA ALA E 226 -18.21 -21.98 -12.89
C ALA E 226 -19.70 -21.98 -13.10
N THR E 227 -20.24 -23.17 -13.33
CA THR E 227 -21.66 -23.40 -13.44
C THR E 227 -21.99 -24.63 -12.60
N GLY E 228 -23.26 -24.77 -12.25
CA GLY E 228 -23.74 -25.94 -11.53
C GLY E 228 -24.73 -26.71 -12.37
N GLY E 229 -25.95 -26.91 -11.85
CA GLY E 229 -27.00 -27.56 -12.59
C GLY E 229 -27.62 -26.57 -13.54
N LEU E 230 -27.83 -25.36 -13.03
CA LEU E 230 -28.01 -24.18 -13.84
C LEU E 230 -26.68 -23.69 -14.41
N ALA E 231 -26.72 -22.94 -15.51
CA ALA E 231 -25.50 -22.57 -16.25
C ALA E 231 -25.61 -21.39 -17.21
N ASP E 232 -24.87 -20.30 -16.97
CA ASP E 232 -24.73 -19.25 -17.96
C ASP E 232 -23.39 -19.41 -18.66
N ASP E 233 -23.27 -18.78 -19.83
CA ASP E 233 -21.98 -18.58 -20.47
C ASP E 233 -21.39 -17.43 -19.70
N HIS E 234 -20.12 -17.54 -19.34
CA HIS E 234 -19.41 -16.48 -18.69
C HIS E 234 -18.29 -16.05 -19.61
N ASP E 235 -18.44 -14.87 -20.20
CA ASP E 235 -17.51 -14.38 -21.20
C ASP E 235 -16.77 -13.19 -20.65
N VAL E 236 -15.46 -13.15 -20.86
CA VAL E 236 -14.66 -11.98 -20.51
C VAL E 236 -14.02 -11.41 -21.76
N LEU E 237 -14.37 -10.20 -22.14
CA LEU E 237 -13.90 -9.64 -23.40
C LEU E 237 -12.46 -9.07 -23.30
N SER E 238 -12.15 -8.49 -22.16
CA SER E 238 -10.85 -7.93 -21.93
C SER E 238 -10.57 -7.80 -20.44
N PHE E 239 -9.30 -7.93 -20.09
CA PHE E 239 -8.82 -7.70 -18.77
C PHE E 239 -7.68 -6.67 -18.93
N LEU E 240 -7.93 -5.42 -18.55
CA LEU E 240 -6.91 -4.42 -18.71
C LEU E 240 -6.39 -3.99 -17.36
N THR E 241 -5.07 -4.16 -17.19
CA THR E 241 -4.38 -3.88 -15.95
C THR E 241 -3.51 -2.61 -16.05
N PHE E 242 -3.73 -1.72 -15.09
CA PHE E 242 -3.02 -0.48 -15.02
C PHE E 242 -2.31 -0.40 -13.69
N GLN E 243 -1.11 0.20 -13.71
CA GLN E 243 -0.32 0.50 -12.51
C GLN E 243 -0.47 1.97 -12.16
N LEU E 244 -0.73 2.27 -10.88
CA LEU E 244 -0.98 3.63 -10.38
C LEU E 244 0.18 4.29 -9.59
N THR E 245 0.10 5.61 -9.41
CA THR E 245 1.07 6.36 -8.62
C THR E 245 0.28 7.47 -7.90
N MET F 64 -0.36 9.77 -52.39
CA MET F 64 -0.30 9.24 -50.97
C MET F 64 1.14 9.24 -50.44
N SER F 65 1.41 10.05 -49.43
CA SER F 65 2.79 10.26 -49.04
C SER F 65 3.29 9.16 -48.13
N PRO F 66 4.61 9.13 -47.84
CA PRO F 66 5.15 8.19 -46.85
C PRO F 66 4.46 8.34 -45.50
N GLN F 67 4.33 9.57 -45.03
CA GLN F 67 3.71 9.85 -43.76
C GLN F 67 2.26 9.40 -43.71
N GLU F 68 1.52 9.66 -44.78
CA GLU F 68 0.15 9.18 -44.83
C GLU F 68 0.11 7.64 -44.59
N LEU F 69 1.15 6.92 -45.00
CA LEU F 69 1.18 5.48 -44.86
C LEU F 69 1.60 5.13 -43.46
N GLN F 70 2.64 5.78 -42.91
CA GLN F 70 2.88 5.65 -41.48
C GLN F 70 1.55 5.80 -40.69
N LEU F 71 0.77 6.84 -41.00
CA LEU F 71 -0.43 7.11 -40.26
C LEU F 71 -1.46 6.04 -40.43
N HIS F 72 -1.64 5.61 -41.67
CA HIS F 72 -2.62 4.59 -41.99
C HIS F 72 -2.23 3.27 -41.26
N TYR F 73 -0.93 2.98 -41.27
CA TYR F 73 -0.40 1.84 -40.55
C TYR F 73 -0.71 1.95 -39.06
N PHE F 74 -0.45 3.13 -38.50
CA PHE F 74 -0.70 3.39 -37.09
C PHE F 74 -2.13 3.06 -36.79
N LYS F 75 -3.05 3.69 -37.50
CA LYS F 75 -4.44 3.48 -37.13
C LYS F 75 -5.01 2.15 -37.59
N MET F 76 -4.29 1.44 -38.43
CA MET F 76 -4.67 0.06 -38.77
C MET F 76 -4.55 -0.86 -37.55
N HIS F 77 -3.59 -0.60 -36.67
CA HIS F 77 -3.44 -1.34 -35.43
C HIS F 77 -4.10 -0.74 -34.19
N ASP F 78 -4.84 0.35 -34.34
CA ASP F 78 -5.54 0.94 -33.21
C ASP F 78 -6.96 0.37 -33.10
N TYR F 79 -7.03 -0.88 -32.70
CA TYR F 79 -8.29 -1.60 -32.79
C TYR F 79 -9.41 -1.01 -31.95
N ASP F 80 -9.08 -0.37 -30.84
CA ASP F 80 -10.09 0.21 -29.93
C ASP F 80 -10.33 1.69 -30.20
N GLY F 81 -9.65 2.25 -31.21
CA GLY F 81 -9.94 3.58 -31.70
C GLY F 81 -9.76 4.71 -30.73
N ASN F 82 -8.79 4.58 -29.83
CA ASN F 82 -8.47 5.58 -28.82
C ASN F 82 -7.24 6.36 -29.23
N ASN F 83 -6.92 6.31 -30.52
CA ASN F 83 -5.71 6.96 -31.05
C ASN F 83 -4.39 6.69 -30.39
N LEU F 84 -4.25 5.53 -29.76
CA LEU F 84 -2.99 5.14 -29.11
C LEU F 84 -2.74 3.69 -29.36
N LEU F 85 -1.47 3.32 -29.31
CA LEU F 85 -1.09 1.93 -29.49
C LEU F 85 -0.50 1.41 -28.20
N ASP F 86 -1.20 0.47 -27.58
CA ASP F 86 -0.69 -0.16 -26.41
C ASP F 86 0.15 -1.38 -26.76
N GLY F 87 0.76 -2.00 -25.75
CA GLY F 87 1.62 -3.14 -25.96
C GLY F 87 0.94 -4.27 -26.72
N LEU F 88 -0.35 -4.48 -26.47
CA LEU F 88 -0.99 -5.66 -27.07
C LEU F 88 -1.21 -5.39 -28.54
N GLU F 89 -1.63 -4.17 -28.86
CA GLU F 89 -1.78 -3.73 -30.24
C GLU F 89 -0.48 -3.89 -31.00
N LEU F 90 0.63 -3.51 -30.38
CA LEU F 90 1.96 -3.62 -31.03
C LEU F 90 2.31 -5.07 -31.24
N SER F 91 1.93 -5.91 -30.30
CA SER F 91 2.28 -7.30 -30.43
C SER F 91 1.72 -7.92 -31.73
N THR F 92 0.53 -7.47 -32.17
CA THR F 92 -0.08 -8.01 -33.38
C THR F 92 0.64 -7.54 -34.64
N ALA F 93 1.28 -6.36 -34.56
CA ALA F 93 2.16 -5.89 -35.62
C ALA F 93 3.46 -6.70 -35.65
N ILE F 94 4.05 -6.89 -34.48
CA ILE F 94 5.27 -7.67 -34.33
C ILE F 94 5.11 -9.14 -34.75
N THR F 95 3.88 -9.60 -34.98
CA THR F 95 3.68 -10.98 -35.48
C THR F 95 2.79 -10.98 -36.73
N HIS F 96 3.15 -10.18 -37.73
CA HIS F 96 2.68 -10.33 -39.12
C HIS F 96 3.98 -10.29 -40.00
N LEU F 108 5.81 -19.12 -34.69
CA LEU F 108 5.41 -18.51 -33.43
C LEU F 108 6.58 -18.29 -32.47
N MET F 109 7.15 -17.08 -32.51
CA MET F 109 8.31 -16.71 -31.65
C MET F 109 7.94 -16.85 -30.19
N SER F 110 8.93 -17.01 -29.30
CA SER F 110 8.62 -17.20 -27.89
C SER F 110 8.07 -15.90 -27.30
N GLU F 111 7.40 -16.04 -26.16
CA GLU F 111 6.86 -14.89 -25.43
C GLU F 111 7.96 -13.99 -24.90
N ASP F 112 9.06 -14.61 -24.53
CA ASP F 112 10.20 -13.86 -24.04
C ASP F 112 10.80 -13.01 -25.16
N GLU F 113 10.88 -13.54 -26.38
CA GLU F 113 11.29 -12.73 -27.54
C GLU F 113 10.33 -11.56 -27.78
N LEU F 114 9.04 -11.88 -27.71
CA LEU F 114 7.97 -10.89 -27.87
C LEU F 114 8.02 -9.82 -26.78
N ILE F 115 8.17 -10.25 -25.53
CA ILE F 115 8.31 -9.30 -24.46
C ILE F 115 9.49 -8.34 -24.66
N ASN F 116 10.63 -8.86 -25.10
CA ASN F 116 11.81 -7.99 -25.28
C ASN F 116 11.49 -6.91 -26.27
N ILE F 117 10.97 -7.31 -27.40
CA ILE F 117 10.71 -6.34 -28.46
C ILE F 117 9.77 -5.24 -27.97
N ILE F 118 8.70 -5.64 -27.29
CA ILE F 118 7.67 -4.68 -26.85
C ILE F 118 8.23 -3.78 -25.77
N ASP F 119 8.79 -4.39 -24.73
CA ASP F 119 9.48 -3.64 -23.72
C ASP F 119 10.46 -2.65 -24.37
N GLY F 120 11.22 -3.16 -25.35
CA GLY F 120 12.10 -2.35 -26.18
C GLY F 120 11.42 -1.15 -26.81
N VAL F 121 10.33 -1.38 -27.54
CA VAL F 121 9.60 -0.25 -28.12
C VAL F 121 9.17 0.78 -27.10
N LEU F 122 8.59 0.32 -25.99
CA LEU F 122 8.09 1.23 -24.94
C LEU F 122 9.18 2.02 -24.22
N ARG F 123 10.35 1.39 -24.08
CA ARG F 123 11.50 2.05 -23.49
C ARG F 123 12.03 3.17 -24.37
N ASP F 124 12.19 2.85 -25.65
CA ASP F 124 12.73 3.80 -26.59
C ASP F 124 11.70 4.88 -26.92
N ASP F 125 10.43 4.50 -27.10
CA ASP F 125 9.51 5.43 -27.75
C ASP F 125 8.38 6.02 -26.92
N ASP F 126 8.08 5.44 -25.75
CA ASP F 126 6.98 5.94 -24.88
C ASP F 126 7.50 6.96 -23.90
N LYS F 127 7.47 8.22 -24.32
CA LYS F 127 8.08 9.33 -23.56
C LYS F 127 7.44 9.55 -22.21
N ASN F 128 6.13 9.86 -22.17
CA ASN F 128 5.41 10.06 -20.90
C ASN F 128 5.20 8.81 -20.01
N ASN F 129 5.75 7.68 -20.41
CA ASN F 129 5.66 6.43 -19.66
C ASN F 129 4.25 6.07 -19.19
N ASP F 130 3.31 6.01 -20.13
CA ASP F 130 1.91 5.67 -19.83
C ASP F 130 1.44 4.34 -20.47
N GLY F 131 2.35 3.60 -21.07
CA GLY F 131 2.04 2.30 -21.63
C GLY F 131 1.51 2.37 -23.04
N TYR F 132 1.36 3.58 -23.55
CA TYR F 132 0.85 3.83 -24.89
C TYR F 132 1.86 4.58 -25.73
N ILE F 133 1.81 4.41 -27.04
CA ILE F 133 2.48 5.35 -27.91
C ILE F 133 1.45 6.00 -28.84
N ASP F 134 1.48 7.32 -28.89
CA ASP F 134 0.63 8.09 -29.81
C ASP F 134 1.32 8.35 -31.15
N TYR F 135 0.57 8.88 -32.11
CA TYR F 135 1.10 9.01 -33.47
C TYR F 135 2.40 9.82 -33.50
N ALA F 136 2.49 10.87 -32.68
CA ALA F 136 3.71 11.67 -32.60
C ALA F 136 4.89 10.78 -32.18
N GLU F 137 4.72 10.10 -31.06
CA GLU F 137 5.74 9.16 -30.59
C GLU F 137 6.08 8.10 -31.63
N PHE F 138 5.06 7.65 -32.36
CA PHE F 138 5.24 6.56 -33.33
C PHE F 138 6.14 7.03 -34.44
N ALA F 139 5.77 8.15 -35.05
CA ALA F 139 6.54 8.84 -36.11
C ALA F 139 7.99 9.03 -35.76
N LYS F 140 8.22 9.65 -34.61
CA LYS F 140 9.57 9.86 -34.04
C LYS F 140 10.54 8.65 -34.20
N SER F 141 10.05 7.41 -34.17
CA SER F 141 10.93 6.24 -34.46
C SER F 141 11.58 6.21 -35.88
CA CA G . -10.65 5.62 20.35
CA CA H . -16.04 8.05 18.15
CL CL I . -9.51 -18.75 41.70
CA CA J . -22.60 -30.44 37.92
CA CA K . -18.57 -21.50 42.80
CA CA L . 18.10 13.48 3.67
CL CL M . 20.08 32.63 -20.81
CA CA N . 28.47 31.83 -25.20
CA CA O . 29.64 25.41 -34.30
CL CL P . -5.31 -7.78 -29.28
CA CA Q . -5.32 1.52 -28.83
CA CA R . 2.77 7.75 -24.48
#